data_6W5R
#
_entry.id   6W5R
#
_cell.length_a   1.00
_cell.length_b   1.00
_cell.length_c   1.00
_cell.angle_alpha   90.00
_cell.angle_beta   90.00
_cell.angle_gamma   90.00
#
_symmetry.space_group_name_H-M   'P 1'
#
loop_
_entity.id
_entity.type
_entity.pdbx_description
1 polymer 'NPC intracellular cholesterol transporter 1'
2 branched 2-acetamido-2-deoxy-beta-D-glucopyranose-(1-4)-2-acetamido-2-deoxy-beta-D-glucopyranose
3 branched beta-D-mannopyranose-(1-3)-2-acetamido-2-deoxy-beta-D-glucopyranose-(1-4)-2-acetamido-2-deoxy-beta-D-glucopyranose
4 branched alpha-D-mannopyranose-(1-4)-2-acetamido-2-deoxy-beta-D-glucopyranose-(1-4)-2-acetamido-2-deoxy-beta-D-glucopyranose
5 non-polymer 2-acetamido-2-deoxy-beta-D-glucopyranose
6 non-polymer CHOLESTEROL
#
_entity_poly.entity_id   1
_entity_poly.type   'polypeptide(L)'
_entity_poly.pdbx_seq_one_letter_code
;MTARGLALGLLLLLLCPAQVFSQSCVWYGECGIAYGDKRYNCEYSGPPKPLPKDGYDLVQELCPGFFFGNVSLCCDVRQL
QTLKDNLQLPLQFLSRCPSCFYNLLNLFCELTCSPRQSQFLNVTATEDYVDPVTNQTKTNVKELQYYVGQSFANAMYNAC
RDVEAPSSNDKALGLLCGKDADACNATNWIEYMFNKDNGQAPFTITPVFSDFPVHGMEPMNNATKGCDESVDEVTAPCSC
QDCSIVCGPKPQPPPPPAPWTILGLDAMYVIMWITYMAFLLVFFGAFFAVWCYRKRYFVSEYTPIDSNIAFSVNASDKGE
ASCCDPVSAAFEGCLRRLFTRWGSFCVRNPGCVIFFSLVFITACSSGLVFVRVTTNPVDLWSAPSSQARLEKEYFDQHFG
PFFRTEQLIIRAPLTDKHIYQPYPSGADVPFGPPLDIQILHQVLDLQIAIENITASYDNETVTLQDICLAPLSPYNTNCT
ILSVLNYFQNSHSVLDHKKGDDFFVYADYHTHFLYCVRAPASLNDTSLLHDPCLGTFGGPVFPWLVLGGYDDQNYNNATA
LVITFPVNNYYNDTEKLQRAQAWEKEFINFVKNYKNPNLTISFTAERSIEDELNRESDSDVFTVVISYAIMFLYISLALG
HMKSCRRLLVDSKVSLGIAGILIVLSSVACSLGVFSYIGLPLTLIVIEVIPFLVLAVGVDNIFILVQAYQRDERLQGETL
DQQLGRVLGEVAPSMFLSSFSETVAFFLGALSVMPAVHTFSLFAGLAVFIDFLLQITCFVSLLGLDIKRQEKNRLDIFCC
VRGAEDGTSVQASESCLFRFFKNSYSPLLLKDWMRPIVIAIFVGVLSFSIAVLNKVDIGLDQSLSMPDDSYMVDYFKSIS
QYLHAGPPVYFVLEEGHDYTSSKGQNMVCGGMGCNNDSLVQQIFNAAQLDNYTRIGFAPSSWIDDYFDWVKPQSSCCRVD
NITDQFCNASVVDPACVRCRPLTPEGKQRPQGGDFMRFLPMFLSDNPNPKCGKGGHAAYSSAVNILLGHGTRVGATYFMT
YHTVLQTSADFIDALKKARLIASNVTETMGINGSAYRVFPYSVFYVFYEQYLTIIDDTIFNLGVSLGAIFLVTMVLLGCE
LWSAVIMCATIAMVLVNMFGVMWLWGISLNAVSLVNLVMSCGISVEFCSHITRAFTVSMKGSRVERAEEALAHMGSSVFS
GITLTKFGGIVVLAFAKSQIFQIFYFRMYLAMVLLGATHGLIFLPVLLSYIGPSVNKAKSCATEERYKGTERERLLNFLE
GSDEVDAGSHHHHHHHHHHGSVEDYKDDDDK
;
_entity_poly.pdbx_strand_id   A
#
# COMPACT_ATOMS: atom_id res chain seq x y z
N GLN A 23 50.53 -21.70 45.79
CA GLN A 23 50.41 -21.97 44.36
C GLN A 23 51.75 -22.14 43.70
N SER A 24 51.70 -22.79 42.53
CA SER A 24 52.82 -23.06 41.62
C SER A 24 52.22 -23.39 40.25
N CYS A 25 53.01 -23.32 39.18
CA CYS A 25 52.49 -23.66 37.87
C CYS A 25 52.81 -25.14 37.64
N VAL A 26 52.24 -25.73 36.59
CA VAL A 26 52.58 -27.10 36.27
C VAL A 26 53.24 -27.27 34.89
N TRP A 27 52.86 -26.52 33.85
CA TRP A 27 53.52 -26.72 32.55
C TRP A 27 53.82 -25.40 31.83
N TYR A 28 54.82 -25.45 30.95
CA TYR A 28 55.27 -24.37 30.08
C TYR A 28 56.00 -24.88 28.85
N GLY A 29 55.72 -24.27 27.70
CA GLY A 29 56.30 -24.64 26.44
C GLY A 29 55.77 -25.83 25.68
N GLU A 30 56.26 -25.95 24.46
CA GLU A 30 55.97 -27.08 23.63
C GLU A 30 57.29 -27.55 23.05
N CYS A 31 57.76 -28.70 23.49
CA CYS A 31 58.99 -29.26 22.95
C CYS A 31 58.73 -30.54 22.17
N GLY A 32 57.90 -31.44 22.71
CA GLY A 32 57.47 -32.66 22.05
C GLY A 32 56.61 -32.48 20.80
N ILE A 33 56.20 -33.59 20.18
CA ILE A 33 55.36 -33.63 18.99
C ILE A 33 54.61 -34.95 19.07
N ALA A 34 53.29 -34.92 18.90
CA ALA A 34 52.55 -36.19 18.89
C ALA A 34 52.39 -36.75 17.49
N TYR A 35 51.70 -35.98 16.65
CA TYR A 35 51.35 -36.20 15.24
C TYR A 35 50.75 -34.94 14.66
N GLY A 36 50.97 -34.70 13.36
CA GLY A 36 50.55 -33.47 12.72
C GLY A 36 51.20 -32.19 13.23
N ASP A 37 50.42 -31.38 13.95
CA ASP A 37 50.94 -30.18 14.58
C ASP A 37 50.89 -30.28 16.10
N LYS A 38 50.19 -31.30 16.63
CA LYS A 38 50.01 -31.60 18.06
C LYS A 38 51.33 -31.81 18.82
N ARG A 39 51.51 -31.03 19.88
CA ARG A 39 52.73 -31.00 20.69
C ARG A 39 52.43 -31.30 22.16
N TYR A 40 53.19 -32.21 22.77
CA TYR A 40 53.02 -32.48 24.20
C TYR A 40 53.61 -31.32 24.99
N ASN A 41 52.90 -30.91 26.04
CA ASN A 41 53.31 -29.81 26.92
C ASN A 41 54.57 -30.21 27.67
N CYS A 42 55.41 -29.24 28.02
CA CYS A 42 56.66 -29.60 28.68
C CYS A 42 56.57 -29.31 30.18
N GLU A 43 56.91 -30.29 31.01
CA GLU A 43 56.70 -30.21 32.46
C GLU A 43 57.69 -29.25 33.12
N TYR A 44 57.17 -28.39 34.01
CA TYR A 44 57.98 -27.49 34.85
C TYR A 44 57.12 -27.06 36.03
N SER A 45 57.47 -27.48 37.25
CA SER A 45 56.64 -27.19 38.41
C SER A 45 57.13 -26.02 39.27
N GLY A 46 57.74 -25.00 38.66
CA GLY A 46 58.20 -23.88 39.45
C GLY A 46 57.14 -22.79 39.58
N PRO A 47 57.52 -21.56 39.95
CA PRO A 47 56.51 -20.50 40.08
C PRO A 47 56.12 -19.92 38.72
N PRO A 48 54.97 -19.21 38.63
CA PRO A 48 54.57 -18.60 37.36
C PRO A 48 55.34 -17.32 36.98
N LYS A 49 55.80 -17.25 35.74
CA LYS A 49 56.58 -16.26 34.97
C LYS A 49 55.80 -14.96 34.70
N PRO A 50 56.43 -13.79 34.77
CA PRO A 50 55.86 -12.61 34.11
C PRO A 50 55.95 -12.69 32.60
N LEU A 51 54.81 -12.43 31.94
CA LEU A 51 54.63 -12.62 30.49
C LEU A 51 55.50 -11.69 29.64
N PRO A 52 55.98 -12.16 28.45
CA PRO A 52 56.95 -11.37 27.66
C PRO A 52 56.45 -10.13 26.91
N LYS A 53 55.20 -9.66 27.13
CA LYS A 53 54.52 -8.47 26.55
C LYS A 53 54.13 -8.66 25.07
N ASP A 54 54.38 -9.85 24.50
CA ASP A 54 54.14 -10.05 23.08
C ASP A 54 52.71 -10.45 22.79
N GLY A 55 52.13 -11.41 23.52
CA GLY A 55 50.81 -11.82 23.12
C GLY A 55 49.77 -11.32 24.10
N TYR A 56 49.91 -10.06 24.53
CA TYR A 56 48.97 -9.43 25.44
C TYR A 56 47.58 -9.30 24.81
N ASP A 57 47.54 -9.05 23.50
CA ASP A 57 46.29 -8.92 22.77
C ASP A 57 45.47 -10.20 22.80
N LEU A 58 46.15 -11.36 22.67
CA LEU A 58 45.53 -12.69 22.68
C LEU A 58 44.86 -13.04 24.01
N VAL A 59 45.46 -12.66 25.15
CA VAL A 59 44.91 -12.95 26.48
C VAL A 59 43.58 -12.21 26.71
N GLN A 60 43.38 -11.05 26.05
CA GLN A 60 42.14 -10.32 26.21
C GLN A 60 41.04 -10.83 25.29
N GLU A 61 41.33 -11.78 24.41
CA GLU A 61 40.32 -12.32 23.51
C GLU A 61 39.94 -13.73 23.95
N LEU A 62 40.92 -14.50 24.38
CA LEU A 62 40.79 -15.87 24.87
C LEU A 62 40.16 -15.96 26.24
N CYS A 63 40.76 -15.34 27.27
CA CYS A 63 40.11 -15.31 28.58
C CYS A 63 40.53 -14.05 29.32
N PRO A 64 39.71 -12.98 29.29
CA PRO A 64 40.09 -11.71 29.98
C PRO A 64 40.11 -11.73 31.51
N GLY A 65 39.72 -12.82 32.17
CA GLY A 65 39.74 -12.96 33.62
C GLY A 65 41.07 -12.92 34.36
N PHE A 66 42.15 -13.01 33.60
CA PHE A 66 43.51 -13.03 34.11
C PHE A 66 44.21 -11.69 34.02
N PHE A 67 43.67 -10.75 33.24
CA PHE A 67 44.37 -9.50 32.92
C PHE A 67 44.15 -8.45 34.00
N PHE A 68 44.99 -8.45 35.02
CA PHE A 68 45.03 -7.30 35.93
C PHE A 68 46.53 -7.07 36.19
N GLY A 69 47.13 -6.23 35.33
CA GLY A 69 48.55 -6.32 35.01
C GLY A 69 49.59 -6.10 36.09
N ASN A 70 50.28 -7.21 36.28
CA ASN A 70 51.38 -7.51 37.16
C ASN A 70 50.88 -8.90 36.90
N VAL A 71 51.07 -9.39 35.67
CA VAL A 71 50.28 -10.60 35.38
C VAL A 71 50.62 -11.90 36.12
N SER A 72 51.90 -12.27 36.16
CA SER A 72 52.48 -13.51 36.71
C SER A 72 51.78 -14.79 36.28
N LEU A 73 51.44 -14.90 35.00
CA LEU A 73 50.74 -16.06 34.47
C LEU A 73 51.73 -17.14 34.04
N CYS A 74 51.48 -18.39 34.39
CA CYS A 74 52.34 -19.53 33.92
C CYS A 74 52.24 -19.81 32.28
N CYS A 75 51.58 -19.01 31.46
CA CYS A 75 51.14 -19.38 30.13
C CYS A 75 52.16 -18.98 29.07
N ASP A 76 51.97 -19.52 27.87
CA ASP A 76 52.85 -19.29 26.74
C ASP A 76 52.03 -19.00 25.49
N VAL A 77 52.52 -18.04 24.71
CA VAL A 77 51.89 -17.58 23.46
C VAL A 77 51.79 -18.70 22.42
N ARG A 78 52.73 -19.67 22.43
CA ARG A 78 52.65 -20.84 21.56
C ARG A 78 51.55 -21.83 21.99
N GLN A 79 51.04 -21.69 23.23
CA GLN A 79 49.94 -22.50 23.71
C GLN A 79 48.64 -21.76 23.39
N LEU A 80 48.67 -20.42 23.57
CA LEU A 80 47.54 -19.52 23.30
C LEU A 80 47.13 -19.55 21.83
N GLN A 81 48.11 -19.55 20.92
CA GLN A 81 47.80 -19.52 19.49
C GLN A 81 47.30 -20.90 19.02
N THR A 82 47.64 -21.96 19.74
CA THR A 82 47.07 -23.26 19.40
C THR A 82 45.69 -23.42 20.03
N LEU A 83 45.41 -22.68 21.12
CA LEU A 83 44.05 -22.60 21.65
C LEU A 83 43.15 -21.91 20.64
N LYS A 84 43.58 -20.72 20.14
CA LYS A 84 42.80 -19.95 19.17
C LYS A 84 42.61 -20.72 17.85
N ASP A 85 43.63 -21.50 17.44
CA ASP A 85 43.53 -22.29 16.21
C ASP A 85 42.55 -23.45 16.32
N ASN A 86 42.54 -24.14 17.48
CA ASN A 86 41.61 -25.25 17.69
C ASN A 86 40.18 -24.83 17.99
N LEU A 87 39.98 -23.66 18.61
CA LEU A 87 38.66 -23.15 18.94
C LEU A 87 37.85 -22.55 17.78
N GLN A 88 38.22 -22.78 16.49
CA GLN A 88 37.58 -22.12 15.35
C GLN A 88 36.14 -22.59 15.20
N LEU A 89 35.87 -23.90 15.21
CA LEU A 89 34.50 -24.38 15.07
C LEU A 89 33.64 -24.16 16.35
N PRO A 90 34.09 -24.37 17.64
CA PRO A 90 33.22 -23.92 18.75
C PRO A 90 32.90 -22.43 18.77
N LEU A 91 33.81 -21.54 18.32
CA LEU A 91 33.49 -20.11 18.26
C LEU A 91 32.41 -19.85 17.21
N GLN A 92 32.47 -20.54 16.06
CA GLN A 92 31.49 -20.32 14.99
C GLN A 92 30.12 -20.86 15.39
N PHE A 93 30.07 -22.05 15.98
CA PHE A 93 28.79 -22.62 16.38
C PHE A 93 28.25 -21.95 17.64
N LEU A 94 29.06 -21.92 18.71
CA LEU A 94 28.68 -21.50 20.04
C LEU A 94 28.82 -20.00 20.33
N SER A 95 29.40 -19.18 19.43
CA SER A 95 29.48 -17.73 19.72
C SER A 95 28.17 -16.97 19.60
N ARG A 96 27.09 -17.61 19.13
CA ARG A 96 25.77 -17.02 19.07
C ARG A 96 25.24 -16.76 20.48
N CYS A 97 25.54 -17.64 21.44
CA CYS A 97 25.01 -17.48 22.78
C CYS A 97 26.22 -17.20 23.67
N PRO A 98 26.45 -15.89 24.00
CA PRO A 98 27.68 -15.46 24.71
C PRO A 98 27.96 -16.09 26.07
N SER A 99 26.93 -16.29 26.91
CA SER A 99 27.12 -16.90 28.23
C SER A 99 27.54 -18.38 28.15
N CYS A 100 27.22 -19.03 27.02
CA CYS A 100 27.59 -20.42 26.78
C CYS A 100 29.06 -20.45 26.41
N PHE A 101 29.42 -19.71 25.33
CA PHE A 101 30.83 -19.64 24.93
C PHE A 101 31.75 -19.01 26.00
N TYR A 102 31.19 -18.20 26.93
CA TYR A 102 31.90 -17.62 28.06
C TYR A 102 32.34 -18.70 29.04
N ASN A 103 31.41 -19.60 29.45
CA ASN A 103 31.81 -20.69 30.34
C ASN A 103 32.77 -21.66 29.66
N LEU A 104 32.54 -21.96 28.36
CA LEU A 104 33.48 -22.84 27.61
C LEU A 104 34.91 -22.29 27.60
N LEU A 105 35.05 -20.95 27.46
CA LEU A 105 36.36 -20.28 27.49
C LEU A 105 36.92 -20.36 28.89
N ASN A 106 36.06 -20.10 29.89
CA ASN A 106 36.46 -20.22 31.29
C ASN A 106 36.90 -21.65 31.68
N LEU A 107 36.42 -22.71 30.97
CA LEU A 107 36.90 -24.05 31.27
C LEU A 107 38.21 -24.36 30.55
N PHE A 108 38.54 -23.55 29.53
CA PHE A 108 39.75 -23.94 28.80
C PHE A 108 40.94 -23.11 29.20
N CYS A 109 40.77 -21.78 29.24
CA CYS A 109 41.83 -20.85 29.67
C CYS A 109 42.35 -21.26 31.05
N GLU A 110 41.42 -21.48 31.99
CA GLU A 110 41.78 -21.93 33.33
C GLU A 110 42.43 -23.32 33.33
N LEU A 111 41.86 -24.28 32.55
CA LEU A 111 42.38 -25.65 32.35
C LEU A 111 43.80 -25.69 31.81
N THR A 112 44.18 -24.70 31.03
CA THR A 112 45.45 -24.71 30.36
C THR A 112 46.47 -23.91 31.18
N CYS A 113 46.18 -22.66 31.45
CA CYS A 113 47.21 -21.79 32.01
C CYS A 113 46.71 -20.86 33.12
N SER A 114 45.83 -21.38 33.99
CA SER A 114 45.46 -20.62 35.19
C SER A 114 46.65 -20.43 36.15
N PRO A 115 46.65 -19.34 36.96
CA PRO A 115 47.81 -19.15 37.87
C PRO A 115 47.74 -20.02 39.11
N ARG A 116 46.59 -20.64 39.38
CA ARG A 116 46.43 -21.51 40.53
C ARG A 116 46.17 -22.94 40.09
N GLN A 117 46.89 -23.36 39.03
CA GLN A 117 46.75 -24.63 38.31
C GLN A 117 46.97 -25.85 39.21
N SER A 118 47.81 -25.71 40.24
CA SER A 118 48.24 -26.81 41.10
C SER A 118 47.14 -27.23 42.06
N GLN A 119 46.17 -26.35 42.31
CA GLN A 119 45.02 -26.64 43.16
C GLN A 119 44.12 -27.71 42.58
N PHE A 120 43.99 -27.76 41.25
CA PHE A 120 43.04 -28.64 40.60
C PHE A 120 43.69 -29.58 39.58
N LEU A 121 44.94 -29.97 39.79
CA LEU A 121 45.63 -30.84 38.84
C LEU A 121 46.69 -31.65 39.56
N ASN A 122 46.95 -32.85 39.04
CA ASN A 122 47.99 -33.74 39.55
C ASN A 122 48.45 -34.67 38.43
N VAL A 123 49.70 -34.47 37.96
CA VAL A 123 50.28 -35.29 36.90
C VAL A 123 50.57 -36.70 37.44
N THR A 124 50.44 -37.71 36.57
CA THR A 124 50.69 -39.09 36.98
C THR A 124 51.87 -39.73 36.24
N ALA A 125 51.82 -39.75 34.91
CA ALA A 125 52.80 -40.42 34.05
C ALA A 125 53.56 -39.41 33.19
N THR A 126 54.90 -39.45 33.25
CA THR A 126 55.72 -38.57 32.40
C THR A 126 57.06 -39.21 32.10
N GLU A 127 57.62 -38.87 30.92
CA GLU A 127 58.92 -39.39 30.49
C GLU A 127 59.66 -38.36 29.63
N ASP A 128 60.98 -38.52 29.59
CA ASP A 128 61.93 -37.67 28.89
C ASP A 128 61.77 -37.65 27.37
N TYR A 129 62.09 -36.52 26.75
CA TYR A 129 62.10 -36.34 25.29
C TYR A 129 63.49 -35.88 24.85
N VAL A 130 63.97 -36.39 23.71
CA VAL A 130 65.26 -35.98 23.18
C VAL A 130 65.07 -34.91 22.12
N ASP A 131 65.87 -33.85 22.20
CA ASP A 131 66.02 -32.67 21.36
C ASP A 131 67.15 -32.80 20.33
N PRO A 132 66.87 -32.69 19.03
CA PRO A 132 67.96 -32.55 18.05
C PRO A 132 68.65 -31.18 18.01
N VAL A 133 68.41 -30.21 18.91
CA VAL A 133 68.99 -28.88 18.77
C VAL A 133 70.03 -28.55 19.86
N THR A 134 69.84 -28.99 21.13
CA THR A 134 70.78 -28.55 22.16
C THR A 134 71.25 -29.64 23.11
N ASN A 135 70.80 -30.88 22.92
CA ASN A 135 71.00 -32.09 23.75
C ASN A 135 70.46 -32.02 25.19
N GLN A 136 69.55 -31.12 25.54
CA GLN A 136 69.04 -31.08 26.91
C GLN A 136 67.70 -31.80 26.91
N THR A 137 67.58 -32.84 27.73
CA THR A 137 66.35 -33.65 27.75
C THR A 137 65.17 -32.98 28.46
N LYS A 138 64.11 -32.76 27.68
CA LYS A 138 62.87 -32.15 28.15
C LYS A 138 61.85 -33.23 28.52
N THR A 139 61.03 -32.91 29.51
CA THR A 139 59.99 -33.80 30.05
C THR A 139 58.59 -33.57 29.43
N ASN A 140 58.06 -34.54 28.67
CA ASN A 140 56.70 -34.38 28.16
C ASN A 140 55.66 -34.82 29.19
N VAL A 141 54.42 -34.37 28.99
CA VAL A 141 53.26 -34.76 29.79
C VAL A 141 52.30 -35.63 28.97
N LYS A 142 52.44 -36.95 29.07
CA LYS A 142 51.56 -37.90 28.40
C LYS A 142 50.13 -37.98 28.96
N GLU A 143 49.95 -38.05 30.29
CA GLU A 143 48.61 -38.12 30.86
C GLU A 143 48.64 -37.44 32.24
N LEU A 144 47.44 -37.15 32.79
CA LEU A 144 47.17 -36.51 34.08
C LEU A 144 45.67 -36.50 34.32
N GLN A 145 45.26 -36.16 35.53
CA GLN A 145 43.87 -36.05 35.91
C GLN A 145 43.47 -34.62 36.31
N TYR A 146 42.22 -34.27 35.94
CA TYR A 146 41.61 -32.94 36.06
C TYR A 146 40.34 -32.86 36.93
N TYR A 147 40.39 -32.07 38.01
CA TYR A 147 39.29 -31.92 38.96
C TYR A 147 38.31 -30.82 38.51
N VAL A 148 37.09 -31.20 38.13
CA VAL A 148 36.07 -30.26 37.66
C VAL A 148 34.90 -30.26 38.65
N GLY A 149 34.41 -29.07 39.02
CA GLY A 149 33.24 -28.98 39.88
C GLY A 149 31.97 -29.49 39.19
N GLN A 150 31.00 -29.96 39.98
CA GLN A 150 29.75 -30.44 39.40
C GLN A 150 28.80 -29.29 39.06
N SER A 151 28.79 -28.24 39.91
CA SER A 151 27.99 -27.02 39.72
C SER A 151 28.44 -26.16 38.55
N PHE A 152 29.61 -26.41 37.98
CA PHE A 152 30.07 -25.68 36.81
C PHE A 152 29.58 -26.41 35.58
N ALA A 153 29.70 -27.75 35.58
CA ALA A 153 29.29 -28.57 34.45
C ALA A 153 27.77 -28.61 34.27
N ASN A 154 26.99 -28.56 35.36
CA ASN A 154 25.52 -28.59 35.22
C ASN A 154 25.00 -27.27 34.67
N ALA A 155 25.52 -26.14 35.18
CA ALA A 155 25.15 -24.81 34.70
C ALA A 155 25.69 -24.56 33.29
N MET A 156 26.78 -25.26 32.92
CA MET A 156 27.38 -25.12 31.60
C MET A 156 26.56 -25.86 30.56
N TYR A 157 26.36 -27.17 30.75
CA TYR A 157 25.53 -27.98 29.85
C TYR A 157 24.10 -27.44 29.76
N ASN A 158 23.50 -27.03 30.89
CA ASN A 158 22.13 -26.52 30.86
C ASN A 158 22.02 -25.16 30.20
N ALA A 159 23.11 -24.37 30.18
CA ALA A 159 23.04 -23.09 29.52
C ALA A 159 23.40 -23.23 28.05
N CYS A 160 24.05 -24.34 27.66
CA CYS A 160 24.41 -24.48 26.26
C CYS A 160 23.60 -25.49 25.46
N ARG A 161 22.76 -26.35 26.08
CA ARG A 161 22.01 -27.43 25.35
C ARG A 161 20.99 -26.95 24.27
N ASP A 162 20.51 -25.71 24.24
CA ASP A 162 19.47 -25.31 23.31
C ASP A 162 19.97 -24.66 22.03
N VAL A 163 21.28 -24.33 21.92
CA VAL A 163 21.87 -23.67 20.75
C VAL A 163 21.81 -24.56 19.49
N GLU A 164 21.20 -24.01 18.44
CA GLU A 164 21.07 -24.67 17.15
C GLU A 164 22.34 -24.50 16.32
N ALA A 165 22.55 -25.45 15.38
CA ALA A 165 23.64 -25.56 14.42
C ALA A 165 23.34 -24.84 13.10
N PRO A 166 24.37 -24.47 12.29
CA PRO A 166 24.09 -23.91 10.95
C PRO A 166 23.86 -24.97 9.87
N SER A 167 22.88 -24.72 8.97
CA SER A 167 22.43 -25.58 7.83
C SER A 167 21.59 -26.77 8.29
N SER A 168 20.91 -26.62 9.42
CA SER A 168 20.13 -27.69 10.02
C SER A 168 19.24 -27.10 11.10
N ASN A 169 18.32 -27.94 11.59
CA ASN A 169 17.46 -27.60 12.70
C ASN A 169 17.81 -28.42 13.92
N ASP A 170 18.97 -29.06 13.91
CA ASP A 170 19.49 -29.86 15.01
C ASP A 170 19.98 -28.94 16.14
N LYS A 171 20.47 -29.56 17.20
CA LYS A 171 21.18 -28.85 18.26
C LYS A 171 22.66 -28.88 17.93
N ALA A 172 23.36 -27.78 18.28
CA ALA A 172 24.79 -27.63 17.98
C ALA A 172 25.67 -28.62 18.75
N LEU A 173 25.17 -29.16 19.88
CA LEU A 173 25.90 -30.17 20.62
C LEU A 173 25.93 -31.50 19.88
N GLY A 174 24.95 -31.75 18.98
CA GLY A 174 24.87 -32.94 18.14
C GLY A 174 26.07 -33.16 17.24
N LEU A 175 26.75 -32.10 16.83
CA LEU A 175 27.95 -32.18 16.02
C LEU A 175 29.20 -32.13 16.89
N LEU A 176 29.06 -31.95 18.22
CA LEU A 176 30.24 -31.89 19.07
C LEU A 176 30.28 -32.90 20.22
N CYS A 177 29.17 -33.57 20.55
CA CYS A 177 29.18 -34.66 21.52
C CYS A 177 29.87 -35.90 20.96
N GLY A 178 29.76 -36.17 19.66
CA GLY A 178 30.14 -37.45 19.10
C GLY A 178 29.06 -38.50 18.97
N LYS A 179 27.80 -38.11 19.02
CA LYS A 179 26.62 -38.98 19.04
C LYS A 179 25.40 -38.08 18.85
N ASP A 180 24.23 -38.71 18.93
CA ASP A 180 22.92 -38.08 18.89
C ASP A 180 22.80 -37.03 20.00
N ALA A 181 22.04 -35.98 19.75
CA ALA A 181 21.83 -34.98 20.80
C ALA A 181 20.75 -35.30 21.83
N ASP A 182 20.27 -36.54 21.87
CA ASP A 182 19.24 -36.89 22.83
C ASP A 182 19.84 -37.46 24.11
N ALA A 183 21.05 -38.04 24.07
CA ALA A 183 21.60 -38.59 25.30
C ALA A 183 23.02 -38.16 25.64
N CYS A 184 23.46 -36.97 25.19
CA CYS A 184 24.79 -36.47 25.57
C CYS A 184 24.57 -35.86 26.95
N ASN A 185 25.05 -36.56 27.98
CA ASN A 185 24.94 -36.10 29.35
C ASN A 185 25.93 -34.99 29.66
N ALA A 186 25.79 -34.43 30.85
CA ALA A 186 26.62 -33.33 31.34
C ALA A 186 28.02 -33.76 31.81
N THR A 187 28.50 -34.96 31.51
CA THR A 187 29.82 -35.43 31.90
C THR A 187 30.55 -36.14 30.76
N ASN A 188 29.81 -36.85 29.89
CA ASN A 188 30.40 -37.62 28.80
C ASN A 188 30.85 -36.72 27.66
N TRP A 189 30.17 -35.57 27.49
CA TRP A 189 30.49 -34.59 26.46
C TRP A 189 31.85 -33.97 26.75
N ILE A 190 32.13 -33.72 28.04
CA ILE A 190 33.41 -33.19 28.52
C ILE A 190 34.51 -34.23 28.31
N GLU A 191 34.16 -35.53 28.52
CA GLU A 191 35.12 -36.62 28.27
C GLU A 191 35.44 -36.75 26.78
N TYR A 192 34.44 -36.53 25.90
CA TYR A 192 34.69 -36.63 24.45
C TYR A 192 35.55 -35.46 23.98
N MET A 193 35.39 -34.28 24.61
CA MET A 193 36.19 -33.11 24.25
C MET A 193 37.65 -33.30 24.65
N PHE A 194 37.90 -33.88 25.81
CA PHE A 194 39.29 -34.10 26.20
C PHE A 194 39.96 -35.29 25.50
N ASN A 195 39.19 -36.16 24.86
CA ASN A 195 39.64 -37.37 24.17
C ASN A 195 40.19 -37.04 22.78
N LYS A 196 41.34 -37.63 22.47
CA LYS A 196 41.98 -37.46 21.15
C LYS A 196 41.28 -38.12 19.96
N ASP A 197 40.19 -38.89 20.16
CA ASP A 197 39.46 -39.51 19.06
C ASP A 197 38.75 -38.52 18.11
N ASN A 198 38.55 -37.27 18.53
CA ASN A 198 37.93 -36.25 17.70
C ASN A 198 38.88 -35.70 16.65
N GLY A 199 40.17 -35.59 17.01
CA GLY A 199 41.19 -35.07 16.12
C GLY A 199 41.80 -33.77 16.55
N GLN A 200 41.31 -33.14 17.61
CA GLN A 200 41.83 -31.86 18.08
C GLN A 200 42.75 -31.95 19.29
N ALA A 201 42.34 -32.70 20.32
CA ALA A 201 43.12 -32.82 21.55
C ALA A 201 44.46 -33.52 21.32
N PRO A 202 45.58 -32.86 21.63
CA PRO A 202 46.90 -33.52 21.52
C PRO A 202 47.15 -34.68 22.47
N PHE A 203 46.48 -34.68 23.62
CA PHE A 203 46.55 -35.74 24.62
C PHE A 203 45.27 -35.84 25.45
N THR A 204 44.97 -37.06 25.88
CA THR A 204 43.69 -37.30 26.56
C THR A 204 43.84 -36.93 28.03
N ILE A 205 42.85 -36.22 28.56
CA ILE A 205 42.77 -35.81 29.95
C ILE A 205 41.55 -36.50 30.55
N THR A 206 41.72 -37.17 31.72
CA THR A 206 40.61 -37.87 32.36
C THR A 206 39.89 -36.97 33.39
N PRO A 207 38.69 -36.46 33.11
CA PRO A 207 38.02 -35.61 34.13
C PRO A 207 37.44 -36.41 35.29
N VAL A 208 37.54 -35.85 36.49
CA VAL A 208 36.92 -36.42 37.68
C VAL A 208 36.03 -35.33 38.29
N PHE A 209 34.74 -35.59 38.34
CA PHE A 209 33.79 -34.57 38.78
C PHE A 209 33.45 -34.77 40.25
N SER A 210 33.72 -33.73 41.06
CA SER A 210 33.45 -33.71 42.50
C SER A 210 33.57 -32.31 43.07
N ASP A 211 32.58 -31.93 43.87
CA ASP A 211 32.46 -30.62 44.52
C ASP A 211 33.13 -30.58 45.88
N PHE A 212 33.61 -31.71 46.39
CA PHE A 212 34.14 -31.76 47.74
C PHE A 212 35.60 -32.20 47.76
N PRO A 213 36.39 -31.69 48.73
CA PRO A 213 37.84 -32.00 48.81
C PRO A 213 38.18 -33.47 49.04
N VAL A 214 39.00 -34.01 48.17
CA VAL A 214 39.48 -35.38 48.27
C VAL A 214 41.00 -35.32 48.28
N HIS A 215 41.62 -36.18 49.12
CA HIS A 215 43.06 -36.26 49.41
C HIS A 215 43.60 -34.97 50.02
N GLY A 216 42.77 -34.25 50.79
CA GLY A 216 43.09 -32.90 51.26
C GLY A 216 43.27 -31.83 50.20
N MET A 217 42.80 -32.05 48.97
CA MET A 217 43.04 -31.18 47.83
C MET A 217 41.68 -30.73 47.32
N GLU A 218 41.43 -29.39 47.35
CA GLU A 218 40.11 -28.93 46.92
C GLU A 218 40.06 -28.25 45.54
N PRO A 219 39.11 -28.73 44.66
CA PRO A 219 39.02 -28.27 43.27
C PRO A 219 38.61 -26.83 43.04
N MET A 220 38.50 -26.48 41.77
CA MET A 220 38.17 -25.12 41.36
C MET A 220 36.66 -24.98 41.20
N ASN A 221 36.12 -23.87 41.70
CA ASN A 221 34.70 -23.54 41.45
C ASN A 221 34.55 -22.03 41.30
N ASN A 222 34.63 -21.55 40.07
CA ASN A 222 34.40 -20.15 39.78
C ASN A 222 32.93 -19.91 39.49
N ALA A 223 32.58 -18.61 39.40
CA ALA A 223 31.24 -18.14 39.11
C ALA A 223 30.74 -18.66 37.75
N THR A 224 29.44 -18.89 37.64
CA THR A 224 28.85 -19.40 36.42
C THR A 224 27.68 -18.51 36.06
N LYS A 225 27.44 -18.39 34.75
CA LYS A 225 26.36 -17.57 34.24
C LYS A 225 25.53 -18.40 33.27
N GLY A 226 24.22 -18.28 33.36
CA GLY A 226 23.35 -19.01 32.47
C GLY A 226 23.04 -18.16 31.26
N CYS A 227 22.30 -18.74 30.29
CA CYS A 227 21.94 -18.07 29.03
C CYS A 227 21.00 -16.86 29.16
N ASP A 228 20.45 -16.60 30.33
CA ASP A 228 19.58 -15.46 30.55
C ASP A 228 20.37 -14.30 31.12
N GLU A 229 21.35 -14.58 31.98
CA GLU A 229 22.19 -13.51 32.51
C GLU A 229 23.18 -13.09 31.44
N SER A 230 23.46 -11.80 31.37
CA SER A 230 24.42 -11.26 30.43
C SER A 230 25.81 -11.18 31.04
N VAL A 231 26.83 -11.36 30.21
CA VAL A 231 28.20 -11.39 30.72
C VAL A 231 28.72 -10.00 31.05
N ASP A 232 28.41 -8.99 30.24
CA ASP A 232 28.84 -7.61 30.45
C ASP A 232 27.61 -6.77 30.14
N GLU A 233 27.59 -5.53 30.64
CA GLU A 233 26.52 -4.53 30.51
C GLU A 233 26.34 -3.98 29.04
N VAL A 234 26.96 -4.51 27.98
CA VAL A 234 26.79 -4.09 26.60
C VAL A 234 26.47 -5.25 25.67
N THR A 235 26.64 -6.48 26.13
CA THR A 235 26.34 -7.68 25.35
C THR A 235 24.95 -8.18 25.71
N ALA A 236 24.03 -8.13 24.73
CA ALA A 236 22.62 -8.50 24.83
C ALA A 236 22.44 -10.00 25.18
N PRO A 237 21.33 -10.38 25.85
CA PRO A 237 21.09 -11.82 26.16
C PRO A 237 20.90 -12.71 24.95
N CYS A 238 20.82 -14.01 25.24
CA CYS A 238 20.68 -15.05 24.23
C CYS A 238 19.25 -15.05 23.68
N SER A 239 19.13 -15.51 22.43
CA SER A 239 17.85 -15.63 21.73
C SER A 239 17.07 -16.84 22.23
N CYS A 240 15.75 -16.88 22.02
CA CYS A 240 14.99 -18.02 22.52
C CYS A 240 15.06 -19.24 21.59
N GLN A 241 15.67 -19.08 20.41
CA GLN A 241 16.02 -20.18 19.52
C GLN A 241 17.12 -21.02 20.16
N ASP A 242 18.04 -20.35 20.87
CA ASP A 242 19.22 -20.98 21.45
C ASP A 242 19.18 -21.08 22.96
N CYS A 243 18.09 -20.66 23.61
CA CYS A 243 17.95 -20.81 25.06
C CYS A 243 16.48 -21.00 25.40
N SER A 244 16.17 -22.00 26.21
CA SER A 244 14.79 -22.32 26.58
C SER A 244 14.21 -21.60 27.81
N ILE A 245 15.07 -20.87 28.50
CA ILE A 245 14.68 -20.14 29.71
C ILE A 245 14.45 -18.63 29.54
N VAL A 246 14.63 -18.08 28.34
CA VAL A 246 14.41 -16.63 28.19
C VAL A 246 13.03 -16.27 27.67
N CYS A 247 12.33 -17.20 27.03
CA CYS A 247 11.17 -16.83 26.20
C CYS A 247 9.94 -17.45 26.83
N GLY A 248 9.01 -16.59 27.21
CA GLY A 248 7.87 -16.90 28.03
C GLY A 248 6.65 -16.83 27.15
N PRO A 249 5.55 -16.25 27.66
CA PRO A 249 4.30 -16.24 26.89
C PRO A 249 4.35 -15.33 25.67
N LYS A 250 3.76 -15.85 24.60
CA LYS A 250 3.73 -15.23 23.29
C LYS A 250 2.85 -13.97 23.33
N PRO A 251 2.99 -13.04 22.38
CA PRO A 251 2.08 -11.89 22.37
C PRO A 251 0.78 -12.29 21.72
N GLN A 252 -0.25 -11.50 22.01
CA GLN A 252 -1.64 -11.71 21.59
C GLN A 252 -2.29 -10.35 21.53
N PRO A 253 -3.01 -10.04 20.46
CA PRO A 253 -3.78 -8.80 20.43
C PRO A 253 -5.21 -8.97 20.91
N PRO A 254 -5.87 -7.90 21.37
CA PRO A 254 -7.29 -8.00 21.71
C PRO A 254 -8.19 -7.71 20.51
N PRO A 255 -9.04 -8.66 20.11
CA PRO A 255 -9.96 -8.47 18.96
C PRO A 255 -11.30 -7.77 19.21
N PRO A 256 -11.53 -6.52 18.78
CA PRO A 256 -12.89 -6.02 18.88
C PRO A 256 -13.63 -6.30 17.57
N PRO A 257 -14.76 -6.99 17.64
CA PRO A 257 -15.57 -7.14 16.42
C PRO A 257 -16.52 -5.99 16.10
N ALA A 258 -17.03 -5.36 17.16
CA ALA A 258 -18.02 -4.30 17.29
C ALA A 258 -19.42 -4.50 16.67
N PRO A 259 -20.15 -5.70 16.75
CA PRO A 259 -21.58 -5.63 16.41
C PRO A 259 -22.46 -5.49 17.66
N TRP A 260 -23.54 -4.70 17.59
CA TRP A 260 -24.40 -4.57 18.77
C TRP A 260 -25.14 -5.88 19.00
N THR A 261 -25.84 -6.34 17.96
CA THR A 261 -26.59 -7.61 17.85
C THR A 261 -27.52 -7.90 19.04
N ILE A 262 -28.54 -7.02 19.15
CA ILE A 262 -29.50 -6.98 20.26
C ILE A 262 -30.18 -8.34 20.53
N LEU A 263 -30.89 -8.92 19.55
CA LEU A 263 -31.57 -10.18 19.86
C LEU A 263 -31.19 -11.34 18.93
N GLY A 264 -30.13 -11.18 18.16
CA GLY A 264 -29.64 -12.27 17.32
C GLY A 264 -29.21 -11.82 15.96
N LEU A 265 -29.85 -10.78 15.43
CA LEU A 265 -29.46 -10.25 14.15
C LEU A 265 -28.95 -8.86 14.47
N ASP A 266 -28.54 -8.12 13.42
CA ASP A 266 -27.75 -6.88 13.48
C ASP A 266 -28.41 -5.74 14.26
N ALA A 267 -27.73 -4.61 14.38
CA ALA A 267 -28.28 -3.45 15.07
C ALA A 267 -29.25 -2.53 14.35
N MET A 268 -28.76 -1.90 13.27
CA MET A 268 -29.62 -1.18 12.35
C MET A 268 -30.66 -2.01 11.61
N TYR A 269 -30.35 -3.27 11.23
CA TYR A 269 -31.38 -4.21 10.74
C TYR A 269 -32.56 -4.48 11.66
N VAL A 270 -32.42 -4.39 12.98
CA VAL A 270 -33.54 -4.69 13.85
C VAL A 270 -34.21 -3.39 14.31
N ILE A 271 -33.37 -2.37 14.65
CA ILE A 271 -33.82 -1.04 15.10
C ILE A 271 -34.65 -0.31 14.03
N MET A 272 -34.39 -0.60 12.73
CA MET A 272 -35.16 0.03 11.68
C MET A 272 -36.48 -0.68 11.53
N TRP A 273 -36.49 -2.02 11.41
CA TRP A 273 -37.74 -2.80 11.36
C TRP A 273 -38.69 -2.52 12.55
N ILE A 274 -38.19 -2.14 13.74
CA ILE A 274 -39.10 -1.70 14.81
C ILE A 274 -39.53 -0.25 14.60
N THR A 275 -38.69 0.58 13.90
CA THR A 275 -39.12 1.95 13.54
C THR A 275 -40.21 1.88 12.46
N TYR A 276 -40.20 0.81 11.67
CA TYR A 276 -41.13 0.66 10.57
C TYR A 276 -42.45 0.11 11.09
N MET A 277 -42.40 -0.92 11.95
CA MET A 277 -43.64 -1.45 12.54
C MET A 277 -44.34 -0.39 13.39
N ALA A 278 -43.55 0.43 14.13
CA ALA A 278 -44.13 1.52 14.93
C ALA A 278 -44.78 2.57 14.04
N PHE A 279 -44.13 2.93 12.92
CA PHE A 279 -44.67 3.90 11.97
C PHE A 279 -45.94 3.41 11.29
N LEU A 280 -45.93 2.15 10.83
CA LEU A 280 -47.08 1.58 10.14
C LEU A 280 -48.29 1.41 11.05
N LEU A 281 -48.06 1.11 12.34
CA LEU A 281 -49.21 0.98 13.23
C LEU A 281 -49.73 2.33 13.70
N VAL A 282 -48.84 3.28 14.08
CA VAL A 282 -49.25 4.63 14.48
C VAL A 282 -49.74 5.48 13.29
N PHE A 283 -49.41 5.08 12.07
CA PHE A 283 -49.87 5.79 10.89
C PHE A 283 -51.18 5.21 10.35
N PHE A 284 -51.25 3.91 10.01
CA PHE A 284 -52.55 3.35 9.60
C PHE A 284 -53.59 3.19 10.72
N GLY A 285 -53.25 3.42 11.99
CA GLY A 285 -54.22 3.36 13.06
C GLY A 285 -54.84 4.71 13.31
N ALA A 286 -54.37 5.71 12.57
CA ALA A 286 -54.96 7.04 12.65
C ALA A 286 -55.93 7.20 11.51
N PHE A 287 -55.61 6.57 10.36
CA PHE A 287 -56.55 6.55 9.25
C PHE A 287 -57.74 5.68 9.60
N PHE A 288 -57.54 4.39 9.94
CA PHE A 288 -58.69 3.59 10.43
C PHE A 288 -59.32 4.09 11.75
N ALA A 289 -58.63 4.90 12.57
CA ALA A 289 -59.25 5.49 13.76
C ALA A 289 -60.16 6.68 13.43
N VAL A 290 -59.74 7.56 12.52
CA VAL A 290 -60.62 8.68 12.19
C VAL A 290 -61.70 8.24 11.20
N TRP A 291 -61.34 7.41 10.20
CA TRP A 291 -62.30 6.81 9.26
C TRP A 291 -63.41 6.02 9.98
N CYS A 292 -63.11 5.35 11.11
CA CYS A 292 -64.22 4.78 11.86
C CYS A 292 -64.91 5.79 12.76
N TYR A 293 -64.19 6.86 13.16
CA TYR A 293 -64.84 7.89 13.99
C TYR A 293 -65.89 8.67 13.18
N ARG A 294 -65.55 9.06 11.95
CA ARG A 294 -66.48 9.76 11.06
C ARG A 294 -67.62 8.88 10.53
N LYS A 295 -67.53 7.57 10.69
CA LYS A 295 -68.60 6.70 10.24
C LYS A 295 -69.44 6.25 11.43
N PRO A 326 -47.05 38.03 -0.19
CA PRO A 326 -47.07 39.32 -0.86
C PRO A 326 -45.65 39.72 -1.21
N VAL A 327 -44.70 39.22 -0.44
CA VAL A 327 -43.30 39.52 -0.71
C VAL A 327 -42.78 38.59 -1.80
N SER A 328 -43.42 37.43 -1.94
CA SER A 328 -43.10 36.44 -2.96
C SER A 328 -43.36 36.95 -4.36
N ALA A 329 -44.58 37.48 -4.58
CA ALA A 329 -45.04 38.03 -5.87
C ALA A 329 -44.24 39.25 -6.36
N ALA A 330 -43.57 39.97 -5.45
CA ALA A 330 -42.77 41.11 -5.90
C ALA A 330 -41.48 40.65 -6.57
N PHE A 331 -40.95 39.50 -6.18
CA PHE A 331 -39.74 39.01 -6.83
C PHE A 331 -40.08 38.02 -7.95
N GLU A 332 -41.24 37.36 -7.85
CA GLU A 332 -41.65 36.39 -8.86
C GLU A 332 -42.42 37.07 -9.99
N GLY A 333 -42.63 38.38 -9.87
CA GLY A 333 -43.38 39.08 -10.90
C GLY A 333 -42.49 39.94 -11.75
N CYS A 334 -41.41 40.49 -11.17
CA CYS A 334 -40.46 41.24 -11.96
C CYS A 334 -39.62 40.31 -12.84
N LEU A 335 -39.40 39.08 -12.40
CA LEU A 335 -38.69 38.06 -13.19
C LEU A 335 -39.47 37.64 -14.42
N ARG A 336 -40.78 37.36 -14.22
CA ARG A 336 -41.73 37.01 -15.27
C ARG A 336 -41.79 38.09 -16.35
N ARG A 337 -41.81 39.37 -15.91
CA ARG A 337 -41.87 40.52 -16.83
C ARG A 337 -40.59 40.63 -17.64
N LEU A 338 -39.43 40.46 -16.96
CA LEU A 338 -38.10 40.46 -17.58
C LEU A 338 -37.96 39.38 -18.63
N PHE A 339 -38.38 38.14 -18.31
CA PHE A 339 -38.27 37.03 -19.25
C PHE A 339 -39.21 37.18 -20.42
N THR A 340 -40.44 37.69 -20.18
CA THR A 340 -41.40 37.95 -21.25
C THR A 340 -40.89 38.99 -22.23
N ARG A 341 -40.40 40.15 -21.71
CA ARG A 341 -39.85 41.23 -22.54
C ARG A 341 -38.63 40.78 -23.32
N TRP A 342 -37.73 40.05 -22.65
CA TRP A 342 -36.51 39.60 -23.28
C TRP A 342 -36.80 38.49 -24.30
N GLY A 343 -37.82 37.67 -24.05
CA GLY A 343 -38.24 36.65 -25.00
C GLY A 343 -38.83 37.23 -26.26
N SER A 344 -39.62 38.29 -26.14
CA SER A 344 -40.16 38.97 -27.31
C SER A 344 -38.99 39.60 -28.08
N PHE A 345 -38.09 40.26 -27.34
CA PHE A 345 -36.88 40.86 -27.91
C PHE A 345 -36.12 39.84 -28.75
N CYS A 346 -35.91 38.65 -28.20
CA CYS A 346 -35.15 37.64 -28.91
C CYS A 346 -35.88 37.05 -30.11
N VAL A 347 -37.21 37.03 -30.12
CA VAL A 347 -37.91 36.52 -31.30
C VAL A 347 -38.03 37.58 -32.40
N ARG A 348 -37.97 38.87 -32.06
CA ARG A 348 -38.06 39.87 -33.12
C ARG A 348 -36.71 40.47 -33.51
N ASN A 349 -35.62 39.98 -32.93
CA ASN A 349 -34.25 40.35 -33.31
C ASN A 349 -33.32 39.14 -33.48
N PRO A 350 -33.60 38.11 -34.33
CA PRO A 350 -32.77 36.87 -34.35
C PRO A 350 -31.30 36.97 -34.74
N GLY A 351 -30.99 37.80 -35.73
CA GLY A 351 -29.64 37.99 -36.25
C GLY A 351 -28.58 38.43 -35.26
N CYS A 352 -28.83 39.55 -34.55
CA CYS A 352 -27.91 40.09 -33.54
C CYS A 352 -27.62 39.09 -32.42
N VAL A 353 -28.69 38.49 -31.87
CA VAL A 353 -28.59 37.53 -30.76
C VAL A 353 -27.79 36.28 -31.17
N ILE A 354 -28.13 35.65 -32.33
CA ILE A 354 -27.47 34.42 -32.80
C ILE A 354 -25.99 34.73 -33.14
N PHE A 355 -25.70 35.93 -33.69
CA PHE A 355 -24.33 36.33 -34.03
C PHE A 355 -23.48 36.47 -32.78
N PHE A 356 -24.00 37.22 -31.77
CA PHE A 356 -23.28 37.40 -30.51
C PHE A 356 -23.11 36.09 -29.76
N SER A 357 -24.11 35.20 -29.86
CA SER A 357 -24.06 33.87 -29.25
C SER A 357 -22.95 33.01 -29.87
N LEU A 358 -22.86 33.04 -31.20
CA LEU A 358 -21.80 32.31 -31.93
C LEU A 358 -20.41 32.86 -31.65
N VAL A 359 -20.30 34.19 -31.56
CA VAL A 359 -19.05 34.87 -31.21
C VAL A 359 -18.60 34.44 -29.81
N PHE A 360 -19.55 34.36 -28.86
CA PHE A 360 -19.29 33.88 -27.50
C PHE A 360 -18.81 32.43 -27.49
N ILE A 361 -19.49 31.57 -28.26
CA ILE A 361 -19.16 30.14 -28.43
C ILE A 361 -17.73 29.98 -28.96
N THR A 362 -17.36 30.75 -30.00
CA THR A 362 -16.03 30.68 -30.61
C THR A 362 -14.95 31.20 -29.66
N ALA A 363 -15.19 32.37 -29.02
CA ALA A 363 -14.28 32.99 -28.05
C ALA A 363 -14.01 32.11 -26.85
N CYS A 364 -15.01 31.34 -26.41
CA CYS A 364 -14.86 30.46 -25.26
C CYS A 364 -14.29 29.12 -25.68
N SER A 365 -14.65 28.64 -26.85
CA SER A 365 -14.26 27.33 -27.31
C SER A 365 -12.93 27.32 -28.02
N SER A 366 -12.31 28.49 -28.22
CA SER A 366 -10.97 28.54 -28.78
C SER A 366 -9.90 28.17 -27.76
N GLY A 367 -10.22 28.06 -26.48
CA GLY A 367 -9.26 27.61 -25.48
C GLY A 367 -8.89 26.14 -25.52
N LEU A 368 -9.49 25.31 -26.39
CA LEU A 368 -9.09 23.91 -26.55
C LEU A 368 -7.71 23.70 -27.19
N VAL A 369 -7.03 24.72 -27.68
CA VAL A 369 -5.67 24.57 -28.17
C VAL A 369 -4.69 24.32 -27.03
N PHE A 370 -4.96 24.83 -25.83
CA PHE A 370 -4.11 24.67 -24.65
C PHE A 370 -4.50 23.46 -23.80
N VAL A 371 -5.14 22.44 -24.38
CA VAL A 371 -5.68 21.36 -23.57
C VAL A 371 -4.56 20.43 -23.10
N ARG A 372 -4.53 20.19 -21.79
CA ARG A 372 -3.60 19.25 -21.19
C ARG A 372 -4.42 18.17 -20.52
N VAL A 373 -3.98 16.92 -20.64
CA VAL A 373 -4.68 15.83 -19.97
C VAL A 373 -3.72 15.24 -18.95
N THR A 374 -4.23 15.04 -17.73
CA THR A 374 -3.48 14.48 -16.62
C THR A 374 -3.72 12.97 -16.59
N THR A 375 -2.65 12.19 -16.70
CA THR A 375 -2.77 10.73 -16.63
C THR A 375 -1.92 10.14 -15.53
N ASN A 376 -0.98 10.88 -14.96
CA ASN A 376 -0.13 10.46 -13.86
C ASN A 376 -0.97 10.21 -12.59
N PRO A 377 -0.98 8.98 -12.07
CA PRO A 377 -1.87 8.61 -10.94
C PRO A 377 -1.73 9.32 -9.60
N VAL A 378 -0.54 9.79 -9.21
CA VAL A 378 -0.36 10.47 -7.91
C VAL A 378 -1.15 11.79 -7.85
N ASP A 379 -1.05 12.64 -8.90
CA ASP A 379 -1.82 13.89 -8.98
C ASP A 379 -3.32 13.62 -9.13
N LEU A 380 -3.69 12.50 -9.77
CA LEU A 380 -5.11 12.16 -9.91
C LEU A 380 -5.72 11.76 -8.57
N TRP A 381 -5.16 10.73 -7.93
CA TRP A 381 -5.75 10.19 -6.72
C TRP A 381 -5.25 10.73 -5.39
N SER A 382 -4.30 11.65 -5.43
CA SER A 382 -3.75 12.22 -4.21
C SER A 382 -3.85 13.73 -4.20
N ALA A 383 -4.38 14.29 -3.11
CA ALA A 383 -4.49 15.72 -2.99
C ALA A 383 -3.12 16.38 -2.97
N PRO A 384 -2.92 17.54 -3.65
CA PRO A 384 -1.59 18.17 -3.75
C PRO A 384 -0.94 18.67 -2.46
N SER A 385 -1.72 18.81 -1.40
CA SER A 385 -1.21 19.35 -0.15
C SER A 385 -1.66 18.49 1.01
N SER A 386 -1.89 17.21 0.76
CA SER A 386 -2.27 16.29 1.80
C SER A 386 -1.06 15.93 2.63
N GLN A 387 -1.35 15.33 3.79
CA GLN A 387 -0.34 14.89 4.75
C GLN A 387 0.61 13.85 4.16
N ALA A 388 0.06 12.84 3.46
CA ALA A 388 0.84 11.79 2.83
C ALA A 388 1.69 12.31 1.69
N ARG A 389 1.18 13.32 0.98
CA ARG A 389 1.92 13.97 -0.09
C ARG A 389 3.10 14.75 0.46
N LEU A 390 2.91 15.43 1.61
CA LEU A 390 4.01 16.14 2.26
C LEU A 390 5.07 15.17 2.80
N GLU A 391 4.66 14.00 3.31
CA GLU A 391 5.60 12.98 3.75
C GLU A 391 6.39 12.41 2.57
N LYS A 392 5.72 12.23 1.42
CA LYS A 392 6.39 11.76 0.21
C LYS A 392 7.36 12.79 -0.32
N GLU A 393 7.02 14.08 -0.20
CA GLU A 393 7.91 15.18 -0.57
C GLU A 393 9.14 15.25 0.32
N TYR A 394 8.99 14.96 1.61
CA TYR A 394 10.14 14.98 2.51
C TYR A 394 11.02 13.79 2.22
N PHE A 395 10.44 12.63 1.90
CA PHE A 395 11.24 11.44 1.65
C PHE A 395 12.00 11.54 0.35
N ASP A 396 11.38 12.10 -0.71
CA ASP A 396 12.09 12.20 -1.99
C ASP A 396 13.21 13.23 -1.97
N GLN A 397 13.19 14.16 -1.04
CA GLN A 397 14.20 15.20 -1.01
C GLN A 397 15.43 14.76 -0.24
N HIS A 398 15.27 14.05 0.87
CA HIS A 398 16.42 13.68 1.68
C HIS A 398 17.01 12.30 1.39
N PHE A 399 16.24 11.35 0.89
CA PHE A 399 16.76 10.00 0.66
C PHE A 399 16.60 9.53 -0.75
N GLY A 400 16.02 10.33 -1.62
CA GLY A 400 15.70 9.90 -2.96
C GLY A 400 14.47 8.99 -3.04
N PRO A 401 13.79 9.02 -4.19
CA PRO A 401 12.53 8.28 -4.36
C PRO A 401 12.65 6.77 -4.30
N PHE A 402 11.51 6.16 -4.00
CA PHE A 402 11.37 4.72 -3.99
C PHE A 402 11.54 4.17 -5.40
N PHE A 403 12.11 2.98 -5.50
CA PHE A 403 12.53 2.44 -6.79
C PHE A 403 11.35 1.87 -7.57
N ARG A 404 11.60 1.46 -8.80
CA ARG A 404 10.59 0.88 -9.66
C ARG A 404 10.78 -0.62 -9.72
N THR A 405 9.71 -1.37 -9.52
CA THR A 405 9.84 -2.80 -9.41
C THR A 405 9.21 -3.54 -10.58
N GLU A 406 9.96 -4.50 -11.11
CA GLU A 406 9.52 -5.39 -12.16
C GLU A 406 9.58 -6.81 -11.67
N GLN A 407 8.47 -7.36 -11.22
CA GLN A 407 8.52 -8.71 -10.68
C GLN A 407 8.23 -9.74 -11.74
N LEU A 408 8.38 -11.00 -11.38
CA LEU A 408 8.19 -12.12 -12.28
C LEU A 408 7.93 -13.34 -11.42
N ILE A 409 6.72 -13.87 -11.44
CA ILE A 409 6.38 -15.02 -10.60
C ILE A 409 6.35 -16.27 -11.45
N ILE A 410 7.47 -16.96 -11.52
CA ILE A 410 7.60 -18.17 -12.30
C ILE A 410 7.07 -19.33 -11.47
N ARG A 411 6.51 -20.34 -12.14
CA ARG A 411 5.93 -21.56 -11.56
C ARG A 411 6.14 -22.70 -12.55
N ALA A 412 6.38 -23.89 -11.99
CA ALA A 412 6.59 -25.11 -12.78
C ALA A 412 5.41 -26.08 -12.67
N PRO A 413 4.48 -26.09 -13.63
CA PRO A 413 3.31 -26.94 -13.50
C PRO A 413 3.53 -28.42 -13.82
N LEU A 414 4.43 -28.76 -14.74
CA LEU A 414 4.58 -30.15 -15.13
C LEU A 414 5.35 -31.02 -14.15
N THR A 415 6.39 -30.47 -13.52
CA THR A 415 7.26 -31.24 -12.63
C THR A 415 6.56 -31.50 -11.29
N ASP A 416 6.94 -32.59 -10.63
CA ASP A 416 6.46 -33.02 -9.33
C ASP A 416 7.58 -32.90 -8.31
N LYS A 417 7.19 -32.85 -7.05
CA LYS A 417 8.13 -32.72 -5.95
C LYS A 417 8.94 -34.00 -5.73
N HIS A 418 10.18 -33.83 -5.27
CA HIS A 418 11.08 -34.95 -5.04
C HIS A 418 11.66 -34.82 -3.64
N ILE A 419 12.26 -35.89 -3.15
CA ILE A 419 12.76 -35.95 -1.78
C ILE A 419 14.28 -35.85 -1.84
N TYR A 420 14.89 -35.14 -0.88
CA TYR A 420 16.35 -35.04 -0.78
C TYR A 420 16.73 -35.73 0.51
N GLN A 421 17.65 -36.68 0.44
CA GLN A 421 18.11 -37.42 1.62
C GLN A 421 19.57 -37.11 1.92
N PRO A 422 19.87 -36.51 3.09
CA PRO A 422 21.26 -36.28 3.50
C PRO A 422 22.05 -37.57 3.68
N TYR A 423 23.35 -37.50 3.30
CA TYR A 423 24.19 -38.70 3.35
C TYR A 423 24.48 -39.17 4.78
N PRO A 424 25.20 -38.34 5.77
CA PRO A 424 25.54 -38.90 7.12
C PRO A 424 24.38 -39.44 7.97
N SER A 425 23.38 -38.60 8.24
CA SER A 425 22.13 -38.85 8.96
C SER A 425 21.32 -37.57 8.91
N GLY A 426 20.03 -37.68 9.19
CA GLY A 426 19.16 -36.52 9.20
C GLY A 426 17.85 -36.87 8.53
N ALA A 427 16.76 -36.22 8.92
CA ALA A 427 15.45 -36.49 8.34
C ALA A 427 15.39 -36.03 6.88
N ASP A 428 14.49 -36.67 6.14
CA ASP A 428 14.27 -36.35 4.72
C ASP A 428 13.70 -34.95 4.59
N VAL A 429 14.08 -34.25 3.53
CA VAL A 429 13.66 -32.86 3.30
C VAL A 429 13.07 -32.78 1.90
N PRO A 430 11.77 -32.57 1.77
CA PRO A 430 11.18 -32.49 0.43
C PRO A 430 11.29 -31.11 -0.19
N PHE A 431 11.51 -31.10 -1.48
CA PHE A 431 11.65 -29.88 -2.27
C PHE A 431 10.51 -29.78 -3.24
N GLY A 432 9.95 -28.58 -3.37
CA GLY A 432 8.89 -28.23 -4.28
C GLY A 432 9.16 -28.43 -5.76
N PRO A 433 8.15 -28.23 -6.62
CA PRO A 433 8.35 -28.39 -8.08
C PRO A 433 9.34 -27.40 -8.72
N PRO A 434 9.32 -26.05 -8.52
CA PRO A 434 10.30 -25.22 -9.24
C PRO A 434 11.74 -25.38 -8.79
N LEU A 435 12.01 -26.00 -7.62
CA LEU A 435 13.35 -26.16 -7.12
C LEU A 435 14.08 -27.42 -7.61
N ASP A 436 13.66 -27.98 -8.73
CA ASP A 436 14.37 -29.08 -9.37
C ASP A 436 15.55 -28.43 -10.07
N ILE A 437 16.60 -29.21 -10.38
CA ILE A 437 17.79 -28.68 -11.03
C ILE A 437 17.57 -28.21 -12.47
N GLN A 438 16.77 -28.97 -13.24
CA GLN A 438 16.45 -28.65 -14.64
C GLN A 438 15.62 -27.38 -14.74
N ILE A 439 14.64 -27.23 -13.85
CA ILE A 439 13.79 -26.04 -13.80
C ILE A 439 14.59 -24.82 -13.38
N LEU A 440 15.60 -25.00 -12.50
CA LEU A 440 16.49 -23.92 -12.07
C LEU A 440 17.39 -23.46 -13.21
N HIS A 441 17.86 -24.40 -14.04
CA HIS A 441 18.63 -24.04 -15.24
C HIS A 441 17.81 -23.25 -16.23
N GLN A 442 16.53 -23.63 -16.42
CA GLN A 442 15.68 -22.90 -17.37
C GLN A 442 15.34 -21.50 -16.86
N VAL A 443 15.15 -21.34 -15.53
CA VAL A 443 14.90 -20.03 -14.93
C VAL A 443 16.15 -19.16 -15.00
N LEU A 444 17.34 -19.78 -14.84
CA LEU A 444 18.61 -19.08 -15.00
C LEU A 444 18.83 -18.64 -16.44
N ASP A 445 18.38 -19.45 -17.41
CA ASP A 445 18.44 -19.13 -18.83
C ASP A 445 17.57 -17.91 -19.14
N LEU A 446 16.36 -17.92 -18.54
CA LEU A 446 15.40 -16.82 -18.65
C LEU A 446 15.94 -15.53 -18.05
N GLN A 447 16.63 -15.61 -16.90
CA GLN A 447 17.15 -14.43 -16.21
C GLN A 447 18.30 -13.79 -16.99
N ILE A 448 19.24 -14.62 -17.46
CA ILE A 448 20.35 -14.16 -18.33
C ILE A 448 19.81 -13.56 -19.63
N ALA A 449 18.66 -14.06 -20.13
CA ALA A 449 18.04 -13.45 -21.30
C ALA A 449 17.38 -12.10 -20.98
N ILE A 450 16.73 -11.95 -19.79
CA ILE A 450 16.19 -10.65 -19.37
C ILE A 450 17.28 -9.58 -19.17
N GLU A 451 18.51 -10.00 -18.84
CA GLU A 451 19.61 -9.08 -18.67
C GLU A 451 20.20 -8.58 -19.99
N ASN A 452 20.12 -9.40 -21.05
CA ASN A 452 20.49 -9.06 -22.43
C ASN A 452 19.89 -7.75 -22.96
N ILE A 453 18.56 -7.54 -22.77
CA ILE A 453 17.60 -6.62 -23.41
C ILE A 453 18.13 -5.20 -23.61
N THR A 454 18.00 -4.66 -24.83
CA THR A 454 18.60 -3.38 -25.11
C THR A 454 17.65 -2.20 -25.26
N ALA A 455 16.52 -2.34 -25.99
CA ALA A 455 15.39 -1.40 -26.07
C ALA A 455 15.78 0.03 -26.46
N SER A 456 16.29 0.19 -27.68
CA SER A 456 16.75 1.47 -28.24
C SER A 456 15.76 2.64 -28.15
N TYR A 457 16.30 3.82 -27.83
CA TYR A 457 15.52 5.03 -27.69
C TYR A 457 16.44 6.16 -28.11
N ASP A 458 15.97 7.04 -29.03
CA ASP A 458 16.63 8.27 -29.57
C ASP A 458 17.97 7.92 -30.25
N ASN A 459 17.98 6.72 -30.85
CA ASN A 459 19.04 6.03 -31.60
C ASN A 459 20.14 5.50 -30.66
N GLU A 460 19.81 5.36 -29.36
CA GLU A 460 20.83 4.86 -28.44
C GLU A 460 20.24 3.77 -27.59
N THR A 461 21.10 2.86 -27.17
CA THR A 461 20.64 1.77 -26.35
C THR A 461 20.60 2.17 -24.89
N VAL A 462 19.65 1.59 -24.18
CA VAL A 462 19.42 1.88 -22.78
C VAL A 462 19.24 0.52 -22.09
N THR A 463 20.33 -0.01 -21.57
CA THR A 463 20.42 -1.33 -20.96
C THR A 463 20.05 -1.32 -19.50
N LEU A 464 19.62 -2.52 -19.06
CA LEU A 464 19.33 -2.83 -17.65
C LEU A 464 20.47 -2.42 -16.76
N GLN A 465 21.72 -2.82 -17.12
CA GLN A 465 22.99 -2.42 -16.48
C GLN A 465 23.19 -0.90 -16.29
N ASP A 466 22.53 -0.10 -17.12
CA ASP A 466 22.62 1.35 -17.07
C ASP A 466 21.51 1.90 -16.17
N ILE A 467 20.33 1.29 -16.19
CA ILE A 467 19.21 1.86 -15.43
C ILE A 467 19.00 1.27 -14.04
N CYS A 468 19.27 -0.03 -13.77
CA CYS A 468 19.04 -0.63 -12.45
C CYS A 468 19.96 -0.05 -11.40
N LEU A 469 19.74 -0.41 -10.14
CA LEU A 469 20.55 0.23 -9.12
C LEU A 469 21.51 -0.79 -8.55
N ALA A 470 22.74 -0.35 -8.47
CA ALA A 470 23.80 -1.10 -7.86
C ALA A 470 24.09 -0.19 -6.70
N PRO A 471 23.84 -0.65 -5.46
CA PRO A 471 23.97 0.21 -4.26
C PRO A 471 25.37 0.76 -4.05
N LEU A 472 26.35 -0.12 -4.06
CA LEU A 472 27.74 0.18 -3.83
C LEU A 472 28.51 0.33 -5.15
N SER A 473 28.17 1.40 -5.87
CA SER A 473 28.81 1.67 -7.15
C SER A 473 29.70 2.90 -7.08
N PRO A 474 30.97 2.74 -7.46
CA PRO A 474 31.36 1.98 -8.64
C PRO A 474 32.11 0.68 -8.29
N TYR A 475 32.58 0.56 -7.06
CA TYR A 475 33.32 -0.65 -6.65
C TYR A 475 32.76 -1.93 -7.27
N ASN A 476 31.51 -2.26 -6.97
CA ASN A 476 30.82 -3.40 -7.58
C ASN A 476 29.70 -2.80 -8.42
N THR A 477 29.56 -3.20 -9.66
CA THR A 477 28.64 -2.45 -10.50
C THR A 477 27.55 -3.29 -11.13
N ASN A 478 27.30 -4.53 -10.66
CA ASN A 478 26.44 -5.49 -11.36
C ASN A 478 24.98 -5.10 -11.52
N CYS A 479 24.11 -5.39 -10.53
CA CYS A 479 23.00 -4.63 -9.95
C CYS A 479 22.09 -5.56 -9.17
N THR A 480 21.12 -4.97 -8.48
CA THR A 480 20.23 -5.71 -7.61
C THR A 480 19.28 -6.54 -8.44
N ILE A 481 19.42 -7.86 -8.38
CA ILE A 481 18.42 -8.78 -8.89
C ILE A 481 18.07 -9.68 -7.73
N LEU A 482 16.83 -9.68 -7.31
CA LEU A 482 16.46 -10.42 -6.11
C LEU A 482 15.84 -11.72 -6.56
N SER A 483 16.69 -12.70 -6.85
CA SER A 483 16.25 -14.02 -7.28
C SER A 483 16.97 -15.11 -6.48
N VAL A 484 16.33 -16.27 -6.32
CA VAL A 484 16.92 -17.38 -5.58
C VAL A 484 18.16 -17.92 -6.29
N LEU A 485 18.39 -17.48 -7.53
CA LEU A 485 19.58 -17.84 -8.27
C LEU A 485 20.78 -17.01 -7.85
N ASN A 486 20.59 -15.93 -7.08
CA ASN A 486 21.70 -15.15 -6.55
C ASN A 486 22.45 -15.86 -5.46
N TYR A 487 21.81 -16.81 -4.76
CA TYR A 487 22.49 -17.70 -3.82
C TYR A 487 23.60 -18.51 -4.47
N PHE A 488 23.47 -18.84 -5.76
CA PHE A 488 24.49 -19.54 -6.51
C PHE A 488 25.23 -18.60 -7.45
N GLN A 489 24.88 -17.32 -7.42
CA GLN A 489 25.55 -16.20 -8.07
C GLN A 489 25.46 -16.23 -9.58
N ASN A 490 24.29 -16.68 -10.08
CA ASN A 490 23.89 -16.71 -11.49
C ASN A 490 24.92 -17.38 -12.40
N SER A 491 25.47 -18.49 -11.93
CA SER A 491 26.49 -19.21 -12.67
C SER A 491 26.22 -20.70 -12.80
N HIS A 492 26.07 -21.14 -14.04
CA HIS A 492 25.80 -22.54 -14.36
C HIS A 492 26.84 -23.48 -13.77
N SER A 493 28.10 -23.03 -13.68
CA SER A 493 29.19 -23.80 -13.08
C SER A 493 28.94 -24.02 -11.59
N VAL A 494 28.78 -22.94 -10.81
CA VAL A 494 28.51 -22.98 -9.36
C VAL A 494 27.22 -23.74 -9.03
N LEU A 495 26.22 -23.68 -9.91
CA LEU A 495 24.96 -24.40 -9.75
C LEU A 495 25.12 -25.88 -10.06
N ASP A 496 26.06 -26.20 -10.94
CA ASP A 496 26.26 -27.58 -11.40
C ASP A 496 27.43 -28.23 -10.71
N HIS A 497 27.92 -27.64 -9.62
CA HIS A 497 29.10 -28.21 -9.00
C HIS A 497 28.76 -28.98 -7.75
N LYS A 498 29.18 -30.24 -7.73
CA LYS A 498 28.96 -31.18 -6.66
C LYS A 498 30.30 -31.61 -6.09
N LYS A 499 30.32 -31.97 -4.81
CA LYS A 499 31.57 -32.36 -4.16
C LYS A 499 31.46 -33.80 -3.68
N GLY A 500 32.25 -34.69 -4.28
CA GLY A 500 32.20 -36.06 -3.81
C GLY A 500 32.80 -37.05 -4.79
N ASP A 501 32.78 -38.31 -4.35
CA ASP A 501 33.23 -39.47 -5.10
C ASP A 501 31.99 -40.36 -5.06
N ASP A 502 31.88 -41.36 -5.95
CA ASP A 502 30.65 -42.14 -6.24
C ASP A 502 29.84 -42.81 -5.12
N PHE A 503 28.56 -43.14 -5.44
CA PHE A 503 27.49 -43.78 -4.64
C PHE A 503 26.75 -42.85 -3.67
N PHE A 504 27.22 -41.60 -3.53
CA PHE A 504 26.68 -40.54 -2.69
C PHE A 504 27.45 -39.26 -2.96
N VAL A 505 26.76 -38.12 -2.83
CA VAL A 505 27.41 -36.82 -2.90
C VAL A 505 27.38 -36.16 -1.52
N TYR A 506 28.55 -35.65 -1.07
CA TYR A 506 28.66 -34.93 0.20
C TYR A 506 27.82 -33.66 0.22
N ALA A 507 28.10 -32.72 -0.68
CA ALA A 507 27.32 -31.50 -0.77
C ALA A 507 26.67 -31.45 -2.14
N ASP A 508 25.64 -30.61 -2.24
CA ASP A 508 24.83 -30.45 -3.44
C ASP A 508 24.12 -29.12 -3.26
N TYR A 509 23.45 -28.65 -4.33
CA TYR A 509 22.72 -27.38 -4.30
C TYR A 509 21.59 -27.36 -3.26
N HIS A 510 21.05 -28.55 -2.91
CA HIS A 510 20.13 -28.68 -1.78
C HIS A 510 20.80 -28.24 -0.49
N THR A 511 22.06 -28.69 -0.27
CA THR A 511 22.81 -28.32 0.93
C THR A 511 23.13 -26.83 0.95
N HIS A 512 23.52 -26.28 -0.21
CA HIS A 512 23.82 -24.84 -0.32
C HIS A 512 22.58 -23.98 -0.09
N PHE A 513 21.45 -24.39 -0.67
CA PHE A 513 20.15 -23.72 -0.51
C PHE A 513 19.71 -23.74 0.94
N LEU A 514 19.80 -24.92 1.60
CA LEU A 514 19.44 -25.07 3.02
C LEU A 514 20.34 -24.25 3.92
N TYR A 515 21.63 -24.14 3.58
CA TYR A 515 22.52 -23.36 4.42
C TYR A 515 22.21 -21.88 4.27
N CYS A 516 21.85 -21.43 3.07
CA CYS A 516 21.72 -20.01 2.87
C CYS A 516 20.31 -19.46 3.09
N VAL A 517 19.27 -20.28 3.16
CA VAL A 517 17.98 -19.74 3.60
C VAL A 517 17.96 -19.48 5.11
N ARG A 518 18.77 -20.20 5.88
CA ARG A 518 18.91 -19.90 7.30
C ARG A 518 19.73 -18.67 7.60
N ALA A 519 20.86 -18.47 6.91
CA ALA A 519 21.74 -17.33 7.19
C ALA A 519 22.23 -16.68 5.90
N PRO A 520 21.39 -15.86 5.23
CA PRO A 520 21.74 -15.34 3.91
C PRO A 520 22.82 -14.26 3.80
N ALA A 521 23.47 -13.87 4.89
CA ALA A 521 24.46 -12.80 4.82
C ALA A 521 25.88 -13.25 5.14
N SER A 522 26.16 -14.56 5.12
CA SER A 522 27.51 -15.06 5.39
C SER A 522 28.43 -14.83 4.20
N LEU A 523 29.74 -14.83 4.44
CA LEU A 523 30.66 -14.69 3.33
C LEU A 523 31.51 -15.92 3.01
N ASN A 524 31.34 -17.04 3.74
CA ASN A 524 31.86 -18.38 3.38
C ASN A 524 31.04 -19.39 4.18
N ASP A 525 30.77 -20.56 3.56
CA ASP A 525 30.03 -21.66 4.18
C ASP A 525 30.72 -22.33 5.37
N THR A 526 32.06 -22.40 5.39
CA THR A 526 32.98 -22.88 6.45
C THR A 526 32.67 -24.31 7.01
N SER A 527 31.85 -25.12 6.31
CA SER A 527 31.52 -26.50 6.69
C SER A 527 31.25 -27.29 5.40
N LEU A 528 32.29 -27.94 4.87
CA LEU A 528 32.29 -28.91 3.75
C LEU A 528 31.90 -28.37 2.37
N LEU A 529 31.52 -27.10 2.24
CA LEU A 529 31.26 -26.56 0.91
C LEU A 529 32.15 -25.36 0.62
N HIS A 530 32.24 -24.43 1.58
CA HIS A 530 33.11 -23.24 1.61
C HIS A 530 32.83 -22.32 0.42
N ASP A 531 31.57 -21.92 0.27
CA ASP A 531 31.09 -21.01 -0.75
C ASP A 531 30.25 -19.90 -0.15
N PRO A 532 30.43 -18.66 -0.59
CA PRO A 532 29.53 -17.60 -0.12
C PRO A 532 28.21 -17.65 -0.85
N CYS A 533 27.22 -17.01 -0.25
CA CYS A 533 25.90 -16.84 -0.84
C CYS A 533 25.44 -15.42 -0.65
N LEU A 534 26.30 -14.49 -0.98
CA LEU A 534 25.92 -13.11 -0.82
C LEU A 534 25.21 -12.56 -2.04
N GLY A 535 25.49 -13.05 -3.22
CA GLY A 535 24.79 -12.50 -4.36
C GLY A 535 25.75 -11.60 -5.10
N THR A 536 25.60 -11.58 -6.43
CA THR A 536 26.48 -10.85 -7.34
C THR A 536 26.52 -9.36 -7.10
N PHE A 537 25.43 -8.77 -6.61
CA PHE A 537 25.48 -7.34 -6.36
C PHE A 537 26.17 -7.03 -5.06
N GLY A 538 26.18 -7.95 -4.11
CA GLY A 538 26.85 -7.72 -2.85
C GLY A 538 25.87 -7.20 -1.83
N GLY A 539 25.44 -8.02 -0.91
CA GLY A 539 24.44 -7.63 0.06
C GLY A 539 23.43 -8.75 0.02
N PRO A 540 22.81 -9.12 1.15
CA PRO A 540 22.00 -10.35 1.23
C PRO A 540 20.73 -10.39 0.39
N VAL A 541 20.27 -11.60 0.13
CA VAL A 541 19.01 -11.83 -0.56
C VAL A 541 18.14 -12.63 0.38
N PHE A 542 17.07 -12.03 0.88
CA PHE A 542 16.28 -12.67 1.91
C PHE A 542 15.29 -13.65 1.29
N PRO A 543 15.18 -14.88 1.83
CA PRO A 543 14.36 -15.93 1.20
C PRO A 543 12.87 -15.66 1.04
N TRP A 544 12.29 -14.75 1.84
CA TRP A 544 10.87 -14.46 1.72
C TRP A 544 10.55 -13.52 0.58
N LEU A 545 11.55 -12.89 -0.01
CA LEU A 545 11.35 -12.00 -1.14
C LEU A 545 11.47 -12.71 -2.46
N VAL A 546 12.00 -13.94 -2.47
CA VAL A 546 12.34 -14.65 -3.69
C VAL A 546 11.60 -15.97 -3.80
N LEU A 547 10.73 -16.27 -2.85
CA LEU A 547 9.99 -17.53 -2.88
C LEU A 547 8.57 -17.26 -2.44
N GLY A 548 7.69 -18.18 -2.76
CA GLY A 548 6.30 -18.06 -2.37
C GLY A 548 5.61 -19.40 -2.38
N GLY A 549 4.60 -19.54 -1.54
CA GLY A 549 3.86 -20.78 -1.59
C GLY A 549 4.33 -21.77 -0.57
N TYR A 550 5.19 -21.33 0.34
CA TYR A 550 5.70 -22.22 1.35
C TYR A 550 4.85 -22.08 2.61
N ASP A 551 5.24 -22.77 3.68
CA ASP A 551 4.40 -22.82 4.86
C ASP A 551 5.19 -22.43 6.11
N ASP A 552 5.31 -21.11 6.28
CA ASP A 552 5.60 -20.23 7.42
C ASP A 552 7.02 -20.15 7.97
N GLN A 553 7.88 -21.14 7.75
CA GLN A 553 9.33 -20.99 7.84
C GLN A 553 10.00 -21.97 6.91
N ASN A 554 9.21 -22.84 6.29
CA ASN A 554 9.73 -24.03 5.65
C ASN A 554 9.84 -23.70 4.16
N TYR A 555 10.92 -22.96 3.82
CA TYR A 555 11.29 -22.61 2.43
C TYR A 555 11.63 -23.78 1.52
N ASN A 556 11.78 -25.01 2.03
CA ASN A 556 11.91 -26.21 1.23
C ASN A 556 10.69 -26.47 0.37
N ASN A 557 9.51 -26.17 0.89
CA ASN A 557 8.23 -26.49 0.27
C ASN A 557 7.75 -25.51 -0.76
N ALA A 558 8.55 -24.47 -1.10
CA ALA A 558 8.20 -23.41 -2.05
C ALA A 558 7.72 -23.91 -3.40
N THR A 559 6.61 -23.31 -3.86
CA THR A 559 5.98 -23.64 -5.12
C THR A 559 6.20 -22.57 -6.20
N ALA A 560 6.59 -21.36 -5.84
CA ALA A 560 6.79 -20.32 -6.85
C ALA A 560 8.14 -19.68 -6.65
N LEU A 561 8.66 -19.07 -7.70
CA LEU A 561 9.90 -18.34 -7.63
C LEU A 561 9.60 -16.90 -8.00
N VAL A 562 9.99 -16.00 -7.16
CA VAL A 562 9.79 -14.58 -7.45
C VAL A 562 11.13 -14.03 -7.86
N ILE A 563 11.16 -13.21 -8.89
CA ILE A 563 12.41 -12.65 -9.38
C ILE A 563 12.15 -11.17 -9.56
N THR A 564 12.79 -10.34 -8.77
CA THR A 564 12.52 -8.92 -8.84
C THR A 564 13.69 -8.24 -9.52
N PHE A 565 13.42 -7.23 -10.32
CA PHE A 565 14.48 -6.47 -10.96
C PHE A 565 14.29 -5.01 -10.60
N PRO A 566 14.74 -4.53 -9.44
CA PRO A 566 14.60 -3.11 -9.08
C PRO A 566 15.31 -2.17 -10.04
N VAL A 567 14.62 -1.10 -10.42
CA VAL A 567 15.14 -0.11 -11.36
C VAL A 567 14.98 1.22 -10.65
N ASN A 568 16.00 2.08 -10.79
CA ASN A 568 16.07 3.40 -10.17
C ASN A 568 14.97 4.33 -10.65
N ASN A 569 14.43 5.09 -9.71
CA ASN A 569 13.49 6.17 -10.00
C ASN A 569 14.11 7.52 -9.67
N TYR A 570 13.89 8.49 -10.54
CA TYR A 570 14.62 9.73 -10.54
C TYR A 570 13.78 10.90 -10.10
N TYR A 571 14.40 11.81 -9.34
CA TYR A 571 13.74 12.94 -8.70
C TYR A 571 14.09 14.23 -9.44
N ASN A 572 13.08 14.78 -10.15
CA ASN A 572 13.17 15.98 -11.02
C ASN A 572 14.19 15.79 -12.15
N ASP A 573 13.85 14.83 -13.03
CA ASP A 573 14.58 14.48 -14.23
C ASP A 573 13.58 13.65 -15.03
N THR A 574 13.44 13.98 -16.32
CA THR A 574 12.38 13.39 -17.13
C THR A 574 12.92 12.50 -18.25
N GLU A 575 14.13 12.81 -18.75
CA GLU A 575 14.82 12.05 -19.80
C GLU A 575 15.16 10.63 -19.34
N LYS A 576 15.58 10.52 -18.07
CA LYS A 576 15.90 9.24 -17.45
C LYS A 576 14.65 8.39 -17.27
N LEU A 577 13.53 9.03 -16.93
CA LEU A 577 12.27 8.32 -16.77
C LEU A 577 11.78 7.78 -18.11
N GLN A 578 11.90 8.58 -19.19
CA GLN A 578 11.59 8.11 -20.56
C GLN A 578 12.47 6.94 -20.99
N ARG A 579 13.75 6.96 -20.58
CA ARG A 579 14.68 5.84 -20.79
C ARG A 579 14.23 4.58 -20.06
N ALA A 580 13.76 4.73 -18.81
CA ALA A 580 13.34 3.60 -17.98
C ALA A 580 12.06 2.95 -18.52
N GLN A 581 11.08 3.77 -18.94
CA GLN A 581 9.82 3.29 -19.50
C GLN A 581 10.03 2.64 -20.87
N ALA A 582 11.00 3.17 -21.64
CA ALA A 582 11.38 2.59 -22.91
C ALA A 582 11.98 1.20 -22.73
N TRP A 583 12.72 0.99 -21.64
CA TRP A 583 13.19 -0.37 -21.36
C TRP A 583 12.05 -1.30 -20.92
N GLU A 584 11.11 -0.78 -20.10
CA GLU A 584 10.01 -1.60 -19.55
C GLU A 584 9.03 -2.11 -20.60
N LYS A 585 8.76 -1.31 -21.65
CA LYS A 585 7.89 -1.72 -22.77
C LYS A 585 8.43 -2.97 -23.47
N GLU A 586 9.72 -2.97 -23.77
CA GLU A 586 10.38 -4.09 -24.42
C GLU A 586 10.47 -5.31 -23.49
N PHE A 587 10.64 -5.06 -22.18
CA PHE A 587 10.59 -6.12 -21.17
C PHE A 587 9.25 -6.86 -21.17
N ILE A 588 8.14 -6.08 -21.24
CA ILE A 588 6.77 -6.62 -21.29
C ILE A 588 6.54 -7.44 -22.56
N ASN A 589 6.95 -6.86 -23.72
CA ASN A 589 6.84 -7.50 -25.04
C ASN A 589 7.61 -8.82 -25.12
N PHE A 590 8.86 -8.81 -24.61
CA PHE A 590 9.72 -9.99 -24.53
C PHE A 590 9.07 -11.12 -23.73
N VAL A 591 8.62 -10.82 -22.48
CA VAL A 591 8.01 -11.82 -21.59
C VAL A 591 6.69 -12.37 -22.21
N LYS A 592 5.95 -11.53 -22.95
CA LYS A 592 4.73 -12.00 -23.62
C LYS A 592 5.09 -12.90 -24.80
N ASN A 593 6.21 -12.61 -25.44
CA ASN A 593 6.65 -13.39 -26.58
C ASN A 593 7.73 -14.38 -26.18
N TYR A 594 7.65 -14.93 -24.97
CA TYR A 594 8.57 -15.94 -24.48
C TYR A 594 7.78 -17.24 -24.38
N LYS A 595 8.25 -18.31 -25.02
CA LYS A 595 7.35 -19.45 -25.11
C LYS A 595 7.46 -20.43 -23.94
N ASN A 596 8.61 -21.16 -23.79
CA ASN A 596 9.04 -22.07 -22.72
C ASN A 596 7.99 -22.95 -22.06
N PRO A 597 7.47 -24.04 -22.71
CA PRO A 597 6.35 -24.86 -22.15
C PRO A 597 6.44 -25.45 -20.74
N ASN A 598 7.59 -25.42 -20.08
CA ASN A 598 7.76 -25.94 -18.74
C ASN A 598 7.40 -24.90 -17.68
N LEU A 599 7.17 -23.64 -18.05
CA LEU A 599 7.03 -22.56 -17.09
C LEU A 599 5.80 -21.72 -17.40
N THR A 600 5.20 -21.15 -16.33
CA THR A 600 4.08 -20.21 -16.38
C THR A 600 4.47 -18.93 -15.66
N ILE A 601 4.79 -17.89 -16.40
CA ILE A 601 5.30 -16.64 -15.87
C ILE A 601 4.14 -15.69 -15.65
N SER A 602 4.09 -15.04 -14.49
CA SER A 602 3.16 -13.95 -14.18
C SER A 602 3.95 -12.68 -13.91
N PHE A 603 3.92 -11.74 -14.83
CA PHE A 603 4.86 -10.64 -14.77
C PHE A 603 4.14 -9.32 -14.51
N THR A 604 4.93 -8.28 -14.24
CA THR A 604 4.50 -6.88 -14.09
C THR A 604 5.70 -5.95 -14.30
N ALA A 605 5.41 -4.76 -14.80
CA ALA A 605 6.36 -3.68 -14.88
C ALA A 605 5.76 -2.55 -14.07
N GLU A 606 6.56 -1.56 -13.67
CA GLU A 606 6.06 -0.44 -12.87
C GLU A 606 5.04 0.42 -13.61
N ARG A 607 5.15 0.54 -14.93
CA ARG A 607 4.24 1.35 -15.71
C ARG A 607 3.10 0.53 -16.30
N SER A 608 2.79 -0.60 -15.71
CA SER A 608 1.88 -1.50 -16.37
C SER A 608 0.43 -1.19 -16.01
N ILE A 609 0.14 -0.67 -14.80
CA ILE A 609 -1.23 -0.35 -14.43
C ILE A 609 -1.72 0.81 -15.30
N GLU A 610 -0.85 1.82 -15.49
CA GLU A 610 -1.10 2.99 -16.32
C GLU A 610 -1.28 2.59 -17.77
N ASP A 611 -0.49 1.62 -18.24
CA ASP A 611 -0.59 1.12 -19.61
C ASP A 611 -1.88 0.34 -19.82
N GLU A 612 -2.26 -0.50 -18.84
CA GLU A 612 -3.53 -1.23 -18.94
C GLU A 612 -4.74 -0.30 -18.90
N LEU A 613 -4.69 0.78 -18.11
CA LEU A 613 -5.84 1.67 -18.09
C LEU A 613 -5.90 2.53 -19.37
N ASN A 614 -4.76 2.98 -19.91
CA ASN A 614 -4.79 3.63 -21.23
C ASN A 614 -5.12 2.68 -22.39
N ARG A 615 -4.88 1.37 -22.27
CA ARG A 615 -5.28 0.43 -23.31
C ARG A 615 -6.75 0.08 -23.19
N GLU A 616 -7.23 0.05 -21.96
CA GLU A 616 -8.62 -0.20 -21.62
C GLU A 616 -9.47 1.03 -21.94
N SER A 617 -8.89 2.24 -21.92
CA SER A 617 -9.57 3.50 -22.20
C SER A 617 -9.74 3.75 -23.71
N ASP A 618 -10.37 2.79 -24.39
CA ASP A 618 -10.79 2.70 -25.78
C ASP A 618 -11.65 1.45 -25.81
N SER A 619 -12.12 1.03 -26.97
CA SER A 619 -12.95 -0.17 -27.06
C SER A 619 -14.41 0.01 -26.61
N ASP A 620 -14.80 1.26 -26.33
CA ASP A 620 -16.14 1.59 -25.91
C ASP A 620 -16.63 2.85 -26.58
N VAL A 621 -15.76 3.49 -27.38
CA VAL A 621 -16.16 4.59 -28.25
C VAL A 621 -17.22 4.15 -29.28
N PHE A 622 -17.15 2.86 -29.74
CA PHE A 622 -18.16 2.18 -30.54
C PHE A 622 -19.48 2.05 -29.81
N THR A 623 -19.54 2.11 -28.48
CA THR A 623 -20.78 2.12 -27.73
C THR A 623 -21.31 3.52 -27.44
N VAL A 624 -20.41 4.45 -27.07
CA VAL A 624 -20.78 5.85 -26.78
C VAL A 624 -21.31 6.61 -28.02
N VAL A 625 -20.74 6.35 -29.21
CA VAL A 625 -21.19 7.02 -30.45
C VAL A 625 -22.60 6.55 -30.87
N ILE A 626 -22.85 5.24 -30.76
CA ILE A 626 -24.17 4.64 -31.02
C ILE A 626 -25.19 5.10 -29.99
N SER A 627 -24.74 5.28 -28.73
CA SER A 627 -25.58 5.80 -27.63
C SER A 627 -26.09 7.20 -27.91
N TYR A 628 -25.19 8.08 -28.32
CA TYR A 628 -25.57 9.45 -28.67
C TYR A 628 -26.44 9.50 -29.93
N ALA A 629 -26.19 8.59 -30.89
CA ALA A 629 -26.99 8.51 -32.11
C ALA A 629 -28.43 8.09 -31.83
N ILE A 630 -28.63 7.10 -30.94
CA ILE A 630 -29.95 6.61 -30.59
C ILE A 630 -30.71 7.66 -29.78
N MET A 631 -29.99 8.38 -28.90
CA MET A 631 -30.51 9.52 -28.15
C MET A 631 -31.02 10.64 -29.09
N PHE A 632 -30.22 10.99 -30.12
CA PHE A 632 -30.57 12.06 -31.06
C PHE A 632 -31.77 11.65 -31.93
N LEU A 633 -31.81 10.36 -32.30
CA LEU A 633 -32.91 9.75 -33.05
C LEU A 633 -34.22 9.91 -32.31
N TYR A 634 -34.22 9.61 -31.01
CA TYR A 634 -35.38 9.80 -30.15
C TYR A 634 -35.77 11.29 -30.09
N ILE A 635 -34.77 12.19 -29.95
CA ILE A 635 -35.01 13.64 -29.85
C ILE A 635 -35.70 14.18 -31.10
N SER A 636 -35.21 13.76 -32.26
CA SER A 636 -35.77 14.14 -33.54
C SER A 636 -37.16 13.58 -33.77
N LEU A 637 -37.39 12.32 -33.40
CA LEU A 637 -38.70 11.74 -33.68
C LEU A 637 -39.74 12.08 -32.62
N ALA A 638 -39.36 12.38 -31.38
CA ALA A 638 -40.34 12.55 -30.33
C ALA A 638 -40.80 13.99 -30.09
N LEU A 639 -39.98 14.99 -30.43
CA LEU A 639 -40.33 16.41 -30.28
C LEU A 639 -41.53 16.84 -31.09
N GLY A 640 -41.68 16.27 -32.27
CA GLY A 640 -42.76 16.65 -33.18
C GLY A 640 -43.99 15.82 -32.92
N HIS A 641 -45.13 16.48 -32.77
CA HIS A 641 -46.36 15.73 -32.66
C HIS A 641 -46.79 15.34 -34.07
N MET A 642 -47.19 14.08 -34.22
CA MET A 642 -47.54 13.57 -35.54
C MET A 642 -48.90 14.09 -35.99
N LYS A 643 -49.99 13.69 -35.29
CA LYS A 643 -51.40 14.13 -35.38
C LYS A 643 -52.15 13.84 -36.70
N SER A 644 -51.44 13.37 -37.73
CA SER A 644 -51.90 13.10 -39.08
C SER A 644 -50.74 12.47 -39.83
N CYS A 645 -51.09 11.65 -40.81
CA CYS A 645 -50.14 10.98 -41.69
C CYS A 645 -49.73 11.80 -42.92
N ARG A 646 -50.62 12.61 -43.50
CA ARG A 646 -50.23 13.40 -44.68
C ARG A 646 -49.54 14.71 -44.30
N ARG A 647 -49.42 15.00 -43.01
CA ARG A 647 -48.74 16.20 -42.55
C ARG A 647 -47.51 15.90 -41.70
N LEU A 648 -46.92 14.71 -41.86
CA LEU A 648 -45.87 14.22 -40.94
C LEU A 648 -44.61 15.05 -41.08
N LEU A 649 -44.03 15.11 -42.28
CA LEU A 649 -42.76 15.80 -42.53
C LEU A 649 -42.86 17.35 -42.59
N VAL A 650 -43.93 17.98 -42.14
CA VAL A 650 -44.00 19.43 -42.03
C VAL A 650 -44.10 19.87 -40.57
N ASP A 651 -44.81 19.12 -39.70
CA ASP A 651 -44.81 19.40 -38.27
C ASP A 651 -43.69 18.65 -37.52
N SER A 652 -42.62 18.29 -38.20
CA SER A 652 -41.53 17.48 -37.69
C SER A 652 -40.44 18.45 -37.25
N LYS A 653 -39.78 18.09 -36.17
CA LYS A 653 -38.75 18.87 -35.50
C LYS A 653 -37.31 18.39 -35.68
N VAL A 654 -36.94 17.91 -36.88
CA VAL A 654 -35.58 17.37 -37.12
C VAL A 654 -34.52 18.46 -37.00
N SER A 655 -34.78 19.64 -37.60
CA SER A 655 -33.85 20.78 -37.57
C SER A 655 -33.66 21.33 -36.15
N LEU A 656 -34.74 21.39 -35.40
CA LEU A 656 -34.73 21.85 -34.03
C LEU A 656 -33.99 20.86 -33.12
N GLY A 657 -34.13 19.56 -33.42
CA GLY A 657 -33.37 18.53 -32.70
C GLY A 657 -31.88 18.61 -32.92
N ILE A 658 -31.45 18.86 -34.17
CA ILE A 658 -30.04 19.10 -34.56
C ILE A 658 -29.50 20.33 -33.83
N ALA A 659 -30.33 21.38 -33.75
CA ALA A 659 -30.01 22.62 -33.05
C ALA A 659 -29.80 22.38 -31.56
N GLY A 660 -30.60 21.49 -30.97
CA GLY A 660 -30.45 21.13 -29.56
C GLY A 660 -29.16 20.38 -29.26
N ILE A 661 -28.80 19.41 -30.15
CA ILE A 661 -27.54 18.67 -30.06
C ILE A 661 -26.32 19.59 -30.15
N LEU A 662 -26.35 20.55 -31.09
CA LEU A 662 -25.25 21.52 -31.22
C LEU A 662 -25.11 22.45 -30.02
N ILE A 663 -26.22 22.90 -29.42
CA ILE A 663 -26.14 23.72 -28.20
C ILE A 663 -25.52 22.93 -27.03
N VAL A 664 -25.89 21.64 -26.86
CA VAL A 664 -25.35 20.80 -25.78
C VAL A 664 -23.83 20.53 -25.95
N LEU A 665 -23.42 20.04 -27.15
CA LEU A 665 -22.00 19.79 -27.46
C LEU A 665 -21.18 21.07 -27.46
N SER A 666 -21.79 22.16 -27.92
CA SER A 666 -21.19 23.47 -27.86
C SER A 666 -20.94 23.94 -26.45
N SER A 667 -21.88 23.66 -25.53
CA SER A 667 -21.74 23.98 -24.11
C SER A 667 -20.56 23.24 -23.47
N VAL A 668 -20.42 21.94 -23.82
CA VAL A 668 -19.26 21.10 -23.41
C VAL A 668 -17.96 21.78 -23.81
N ALA A 669 -17.89 22.20 -25.09
CA ALA A 669 -16.68 22.81 -25.64
C ALA A 669 -16.36 24.17 -25.02
N CYS A 670 -17.40 24.98 -24.71
CA CYS A 670 -17.16 26.26 -24.01
C CYS A 670 -16.66 26.06 -22.59
N SER A 671 -17.19 25.07 -21.86
CA SER A 671 -16.73 24.73 -20.50
C SER A 671 -15.27 24.33 -20.48
N LEU A 672 -14.92 23.37 -21.35
CA LEU A 672 -13.55 22.88 -21.54
C LEU A 672 -12.60 23.99 -21.92
N GLY A 673 -13.04 24.91 -22.80
CA GLY A 673 -12.14 25.94 -23.28
C GLY A 673 -11.85 27.04 -22.27
N VAL A 674 -12.87 27.52 -21.53
CA VAL A 674 -12.64 28.51 -20.47
C VAL A 674 -11.75 27.96 -19.37
N PHE A 675 -12.00 26.73 -18.92
CA PHE A 675 -11.14 26.20 -17.86
C PHE A 675 -9.76 25.76 -18.36
N SER A 676 -9.61 25.46 -19.64
CA SER A 676 -8.31 25.23 -20.24
C SER A 676 -7.49 26.52 -20.25
N TYR A 677 -8.12 27.64 -20.65
CA TYR A 677 -7.54 28.99 -20.56
C TYR A 677 -7.03 29.29 -19.16
N ILE A 678 -7.88 29.08 -18.14
CA ILE A 678 -7.54 29.34 -16.74
C ILE A 678 -6.35 28.51 -16.25
N GLY A 679 -6.15 27.31 -16.78
CA GLY A 679 -5.03 26.48 -16.45
C GLY A 679 -5.38 25.21 -15.72
N LEU A 680 -6.65 24.92 -15.59
CA LEU A 680 -7.08 23.72 -14.90
C LEU A 680 -6.93 22.54 -15.84
N PRO A 681 -6.22 21.49 -15.47
CA PRO A 681 -6.05 20.37 -16.37
C PRO A 681 -7.23 19.41 -16.27
N LEU A 682 -7.45 18.66 -17.33
CA LEU A 682 -8.56 17.73 -17.45
C LEU A 682 -8.28 16.43 -16.72
N THR A 683 -9.10 15.40 -16.95
CA THR A 683 -9.06 14.07 -16.34
C THR A 683 -9.97 13.19 -17.15
N LEU A 684 -9.73 11.90 -17.08
CA LEU A 684 -10.44 10.86 -17.81
C LEU A 684 -11.82 10.55 -17.20
N ILE A 685 -12.03 10.96 -15.96
CA ILE A 685 -13.32 10.86 -15.27
C ILE A 685 -14.34 11.85 -15.82
N VAL A 686 -13.86 13.09 -16.02
CA VAL A 686 -14.61 14.22 -16.62
C VAL A 686 -15.12 13.84 -18.00
N ILE A 687 -14.22 13.32 -18.87
CA ILE A 687 -14.49 12.92 -20.27
C ILE A 687 -15.63 11.87 -20.43
N GLU A 688 -16.05 11.19 -19.35
CA GLU A 688 -17.11 10.20 -19.30
C GLU A 688 -18.31 10.74 -18.55
N VAL A 689 -18.15 11.68 -17.61
CA VAL A 689 -19.35 12.18 -16.91
C VAL A 689 -19.93 13.50 -17.40
N ILE A 690 -19.17 14.31 -18.15
CA ILE A 690 -19.68 15.63 -18.56
C ILE A 690 -20.71 15.65 -19.70
N PRO A 691 -20.53 14.94 -20.88
CA PRO A 691 -21.59 14.96 -21.93
C PRO A 691 -22.97 14.49 -21.48
N PHE A 692 -22.99 13.36 -20.78
CA PHE A 692 -24.17 12.73 -20.21
C PHE A 692 -24.93 13.66 -19.27
N LEU A 693 -24.24 14.25 -18.27
CA LEU A 693 -24.85 15.17 -17.30
C LEU A 693 -25.45 16.40 -18.00
N VAL A 694 -24.66 17.03 -18.89
CA VAL A 694 -25.10 18.27 -19.56
C VAL A 694 -26.26 17.95 -20.51
N LEU A 695 -26.22 16.75 -21.13
CA LEU A 695 -27.26 16.23 -22.00
C LEU A 695 -28.56 16.07 -21.23
N ALA A 696 -28.48 15.49 -20.02
CA ALA A 696 -29.61 15.31 -19.11
C ALA A 696 -30.32 16.62 -18.79
N VAL A 697 -29.55 17.57 -18.27
CA VAL A 697 -30.14 18.85 -17.86
C VAL A 697 -30.62 19.70 -19.06
N GLY A 698 -29.80 19.81 -20.11
CA GLY A 698 -30.15 20.61 -21.28
C GLY A 698 -31.33 20.15 -22.11
N VAL A 699 -31.41 18.83 -22.36
CA VAL A 699 -32.49 18.21 -23.14
C VAL A 699 -33.85 18.33 -22.45
N ASP A 700 -33.88 18.20 -21.10
CA ASP A 700 -35.10 18.34 -20.29
C ASP A 700 -35.70 19.73 -20.44
N ASN A 701 -34.86 20.77 -20.40
CA ASN A 701 -35.27 22.18 -20.57
C ASN A 701 -35.85 22.41 -21.97
N ILE A 702 -35.18 21.82 -22.99
CA ILE A 702 -35.61 21.89 -24.40
C ILE A 702 -37.03 21.34 -24.54
N PHE A 703 -37.30 20.17 -23.93
CA PHE A 703 -38.61 19.53 -23.98
C PHE A 703 -39.68 20.35 -23.27
N ILE A 704 -39.35 20.84 -22.05
CA ILE A 704 -40.20 21.78 -21.27
C ILE A 704 -40.68 22.94 -22.15
N LEU A 705 -39.72 23.63 -22.81
CA LEU A 705 -40.04 24.82 -23.61
C LEU A 705 -40.87 24.46 -24.85
N VAL A 706 -40.42 23.49 -25.66
CA VAL A 706 -41.08 23.13 -26.91
C VAL A 706 -42.49 22.58 -26.69
N GLN A 707 -42.66 21.71 -25.67
CA GLN A 707 -43.97 21.12 -25.43
C GLN A 707 -44.91 22.11 -24.75
N ALA A 708 -44.37 22.96 -23.86
CA ALA A 708 -45.13 24.06 -23.27
C ALA A 708 -45.60 25.05 -24.32
N TYR A 709 -44.85 25.23 -25.41
CA TYR A 709 -45.36 26.05 -26.50
C TYR A 709 -46.45 25.30 -27.25
N GLN A 710 -46.18 24.05 -27.68
CA GLN A 710 -47.12 23.24 -28.48
C GLN A 710 -48.48 23.03 -27.81
N ARG A 711 -48.53 22.94 -26.48
CA ARG A 711 -49.81 22.71 -25.86
C ARG A 711 -50.56 24.03 -25.54
N ASP A 712 -50.05 25.16 -26.02
CA ASP A 712 -50.57 26.49 -25.77
C ASP A 712 -51.38 26.91 -26.98
N GLU A 713 -52.55 27.48 -26.75
CA GLU A 713 -53.40 28.04 -27.80
C GLU A 713 -53.18 29.54 -27.86
N ARG A 714 -53.07 30.07 -29.08
CA ARG A 714 -52.76 31.48 -29.25
C ARG A 714 -54.01 32.32 -29.01
N LEU A 715 -53.88 33.32 -28.15
CA LEU A 715 -54.89 34.34 -27.91
C LEU A 715 -55.21 35.14 -29.17
N GLN A 716 -56.38 35.76 -29.18
CA GLN A 716 -56.79 36.52 -30.34
C GLN A 716 -56.17 37.91 -30.35
N GLY A 717 -55.76 38.34 -31.54
CA GLY A 717 -55.05 39.59 -31.71
C GLY A 717 -53.64 39.62 -31.17
N GLU A 718 -53.04 38.47 -30.91
CA GLU A 718 -51.69 38.40 -30.38
C GLU A 718 -50.75 37.81 -31.43
N THR A 719 -49.67 38.52 -31.71
CA THR A 719 -48.72 38.12 -32.73
C THR A 719 -47.74 37.11 -32.14
N LEU A 720 -46.84 36.60 -33.00
CA LEU A 720 -45.98 35.45 -32.67
C LEU A 720 -44.93 35.76 -31.61
N ASP A 721 -44.25 36.91 -31.72
CA ASP A 721 -43.23 37.25 -30.73
C ASP A 721 -43.82 37.50 -29.34
N GLN A 722 -45.03 38.06 -29.26
CA GLN A 722 -45.72 38.19 -27.97
C GLN A 722 -46.14 36.85 -27.39
N GLN A 723 -46.68 35.93 -28.23
CA GLN A 723 -47.05 34.58 -27.79
C GLN A 723 -45.85 33.79 -27.27
N LEU A 724 -44.73 33.83 -28.00
CA LEU A 724 -43.52 33.12 -27.60
C LEU A 724 -42.91 33.75 -26.35
N GLY A 725 -42.97 35.09 -26.26
CA GLY A 725 -42.55 35.79 -25.07
C GLY A 725 -43.40 35.47 -23.85
N ARG A 726 -44.72 35.30 -24.05
CA ARG A 726 -45.63 34.93 -22.97
C ARG A 726 -45.37 33.52 -22.47
N VAL A 727 -45.26 32.55 -23.39
CA VAL A 727 -44.96 31.15 -23.05
C VAL A 727 -43.59 31.05 -22.36
N LEU A 728 -42.58 31.81 -22.83
CA LEU A 728 -41.27 31.76 -22.21
C LEU A 728 -41.30 32.41 -20.84
N GLY A 729 -42.09 33.47 -20.67
CA GLY A 729 -42.27 34.10 -19.39
C GLY A 729 -43.03 33.28 -18.38
N GLU A 730 -43.90 32.40 -18.85
CA GLU A 730 -44.63 31.53 -17.96
C GLU A 730 -43.94 30.19 -17.71
N VAL A 731 -42.97 29.82 -18.55
CA VAL A 731 -42.29 28.55 -18.34
C VAL A 731 -40.85 28.73 -17.83
N ALA A 732 -40.30 29.93 -17.94
CA ALA A 732 -38.89 30.16 -17.66
C ALA A 732 -38.45 30.17 -16.19
N PRO A 733 -39.20 30.70 -15.15
CA PRO A 733 -38.72 30.57 -13.74
C PRO A 733 -38.37 29.16 -13.27
N SER A 734 -39.09 28.14 -13.75
CA SER A 734 -38.84 26.76 -13.35
C SER A 734 -37.50 26.27 -13.92
N MET A 735 -37.26 26.53 -15.22
CA MET A 735 -35.98 26.19 -15.87
C MET A 735 -34.82 26.93 -15.22
N PHE A 736 -35.06 28.19 -14.84
CA PHE A 736 -34.06 29.03 -14.17
C PHE A 736 -33.74 28.47 -12.80
N LEU A 737 -34.78 28.03 -12.08
CA LEU A 737 -34.66 27.37 -10.78
C LEU A 737 -33.81 26.11 -10.84
N SER A 738 -34.10 25.22 -11.81
CA SER A 738 -33.33 23.98 -11.97
C SER A 738 -31.87 24.23 -12.29
N SER A 739 -31.61 25.07 -13.32
CA SER A 739 -30.26 25.40 -13.77
C SER A 739 -29.43 26.14 -12.72
N PHE A 740 -30.07 27.04 -11.98
CA PHE A 740 -29.39 27.82 -10.96
C PHE A 740 -29.09 26.97 -9.75
N SER A 741 -30.00 26.06 -9.42
CA SER A 741 -29.85 25.15 -8.30
C SER A 741 -28.67 24.21 -8.51
N GLU A 742 -28.51 23.71 -9.74
CA GLU A 742 -27.38 22.81 -10.02
C GLU A 742 -26.05 23.54 -10.11
N THR A 743 -26.03 24.73 -10.75
CA THR A 743 -24.81 25.53 -10.85
C THR A 743 -24.28 25.88 -9.45
N VAL A 744 -25.16 26.38 -8.56
CA VAL A 744 -24.79 26.72 -7.18
C VAL A 744 -24.38 25.46 -6.42
N ALA A 745 -25.12 24.34 -6.60
CA ALA A 745 -24.83 23.03 -6.00
C ALA A 745 -23.43 22.49 -6.36
N PHE A 746 -23.09 22.47 -7.65
CA PHE A 746 -21.79 21.97 -8.14
C PHE A 746 -20.63 22.85 -7.68
N PHE A 747 -20.73 24.17 -7.97
CA PHE A 747 -19.75 25.19 -7.59
C PHE A 747 -19.49 25.19 -6.08
N LEU A 748 -20.53 25.14 -5.26
CA LEU A 748 -20.39 25.00 -3.82
C LEU A 748 -19.76 23.65 -3.47
N GLY A 749 -20.04 22.60 -4.26
CA GLY A 749 -19.41 21.29 -4.16
C GLY A 749 -17.93 21.26 -4.53
N ALA A 750 -17.38 22.31 -5.14
CA ALA A 750 -15.95 22.50 -5.40
C ALA A 750 -15.22 23.04 -4.17
N LEU A 751 -15.35 22.39 -3.02
CA LEU A 751 -14.61 22.80 -1.83
C LEU A 751 -13.75 21.68 -1.27
N SER A 752 -13.95 20.44 -1.72
CA SER A 752 -13.16 19.32 -1.23
C SER A 752 -11.69 19.38 -1.66
N VAL A 753 -10.86 18.47 -1.16
CA VAL A 753 -9.46 18.45 -1.52
C VAL A 753 -9.18 17.27 -2.44
N MET A 754 -10.19 16.56 -2.81
CA MET A 754 -10.20 15.42 -3.69
C MET A 754 -10.12 15.92 -5.13
N PRO A 755 -9.09 15.57 -5.90
CA PRO A 755 -8.95 16.04 -7.30
C PRO A 755 -10.02 15.62 -8.29
N ALA A 756 -10.75 14.53 -8.06
CA ALA A 756 -11.78 14.08 -8.97
C ALA A 756 -13.01 14.94 -8.82
N VAL A 757 -13.33 15.26 -7.56
CA VAL A 757 -14.52 16.01 -7.22
C VAL A 757 -14.31 17.49 -7.52
N HIS A 758 -13.07 17.99 -7.32
CA HIS A 758 -12.69 19.39 -7.56
C HIS A 758 -12.86 19.77 -9.04
N THR A 759 -12.15 19.02 -9.93
CA THR A 759 -12.21 19.27 -11.37
C THR A 759 -13.61 19.01 -11.95
N PHE A 760 -14.28 17.91 -11.52
CA PHE A 760 -15.66 17.62 -11.94
C PHE A 760 -16.63 18.72 -11.61
N SER A 761 -16.55 19.21 -10.36
CA SER A 761 -17.38 20.28 -9.85
C SER A 761 -17.23 21.57 -10.66
N LEU A 762 -15.97 21.98 -10.93
CA LEU A 762 -15.68 23.17 -11.76
C LEU A 762 -16.27 23.04 -13.16
N PHE A 763 -15.90 21.95 -13.88
CA PHE A 763 -16.37 21.65 -15.24
C PHE A 763 -17.89 21.58 -15.34
N ALA A 764 -18.53 20.83 -14.43
CA ALA A 764 -19.97 20.58 -14.46
C ALA A 764 -20.76 21.83 -14.14
N GLY A 765 -20.29 22.61 -13.15
CA GLY A 765 -20.91 23.90 -12.80
C GLY A 765 -20.93 24.89 -13.95
N LEU A 766 -19.75 25.08 -14.59
CA LEU A 766 -19.62 25.98 -15.73
C LEU A 766 -20.47 25.49 -16.92
N ALA A 767 -20.51 24.17 -17.15
CA ALA A 767 -21.27 23.58 -18.25
C ALA A 767 -22.77 23.77 -18.11
N VAL A 768 -23.30 23.57 -16.89
CA VAL A 768 -24.73 23.76 -16.60
C VAL A 768 -25.14 25.22 -16.78
N PHE A 769 -24.30 26.15 -16.28
CA PHE A 769 -24.57 27.59 -16.40
C PHE A 769 -24.53 28.09 -17.84
N ILE A 770 -23.47 27.73 -18.58
CA ILE A 770 -23.30 28.11 -19.99
C ILE A 770 -24.37 27.50 -20.88
N ASP A 771 -24.79 26.25 -20.58
CA ASP A 771 -25.84 25.56 -21.34
C ASP A 771 -27.21 26.22 -21.17
N PHE A 772 -27.54 26.60 -19.93
CA PHE A 772 -28.76 27.36 -19.62
C PHE A 772 -28.82 28.68 -20.37
N LEU A 773 -27.71 29.46 -20.32
CA LEU A 773 -27.62 30.77 -20.98
C LEU A 773 -27.75 30.64 -22.49
N LEU A 774 -26.96 29.74 -23.07
CA LEU A 774 -26.91 29.43 -24.50
C LEU A 774 -28.30 29.03 -25.02
N GLN A 775 -29.03 28.19 -24.25
CA GLN A 775 -30.42 27.85 -24.54
C GLN A 775 -31.28 29.09 -24.58
N ILE A 776 -31.35 29.82 -23.44
CA ILE A 776 -32.18 31.02 -23.19
C ILE A 776 -32.03 32.09 -24.28
N THR A 777 -30.85 32.22 -24.90
CA THR A 777 -30.65 33.20 -25.98
C THR A 777 -30.75 32.69 -27.45
N CYS A 778 -30.02 31.62 -27.77
CA CYS A 778 -30.04 30.94 -29.06
C CYS A 778 -31.20 29.97 -29.39
N PHE A 779 -31.62 29.16 -28.43
CA PHE A 779 -32.67 28.20 -28.71
C PHE A 779 -34.04 28.82 -28.86
N VAL A 780 -34.33 29.92 -28.16
CA VAL A 780 -35.62 30.58 -28.36
C VAL A 780 -35.61 31.30 -29.72
N SER A 781 -34.44 31.85 -30.14
CA SER A 781 -34.31 32.42 -31.49
C SER A 781 -34.56 31.37 -32.58
N LEU A 782 -33.92 30.19 -32.46
CA LEU A 782 -34.12 29.12 -33.43
C LEU A 782 -35.53 28.53 -33.36
N LEU A 783 -36.14 28.59 -32.17
CA LEU A 783 -37.52 28.14 -32.02
C LEU A 783 -38.50 29.07 -32.70
N GLY A 784 -38.27 30.40 -32.58
CA GLY A 784 -39.04 31.40 -33.32
C GLY A 784 -38.95 31.26 -34.82
N LEU A 785 -37.72 31.01 -35.31
CA LEU A 785 -37.47 30.80 -36.74
C LEU A 785 -38.18 29.54 -37.24
N ASP A 786 -38.17 28.47 -36.44
CA ASP A 786 -38.80 27.22 -36.87
C ASP A 786 -40.33 27.33 -36.85
N ILE A 787 -40.90 28.11 -35.93
CA ILE A 787 -42.34 28.39 -35.93
C ILE A 787 -42.75 29.22 -37.16
N LYS A 788 -41.95 30.25 -37.51
CA LYS A 788 -42.12 31.04 -38.75
C LYS A 788 -42.10 30.14 -39.99
N ARG A 789 -41.11 29.24 -40.06
CA ARG A 789 -40.98 28.24 -41.12
C ARG A 789 -42.23 27.36 -41.25
N GLN A 790 -42.67 26.77 -40.13
CA GLN A 790 -43.82 25.86 -40.13
C GLN A 790 -45.14 26.60 -40.41
N GLU A 791 -45.22 27.88 -40.06
CA GLU A 791 -46.44 28.65 -40.36
C GLU A 791 -46.44 29.13 -41.80
N LYS A 792 -45.27 29.27 -42.44
CA LYS A 792 -45.29 29.62 -43.86
C LYS A 792 -45.44 28.40 -44.79
N ASN A 793 -45.86 27.28 -44.19
CA ASN A 793 -46.12 25.99 -44.83
C ASN A 793 -44.94 25.16 -45.38
N ARG A 794 -43.81 25.81 -45.56
CA ARG A 794 -42.59 25.21 -46.11
C ARG A 794 -42.33 23.88 -45.44
N LEU A 795 -41.84 22.90 -46.20
CA LEU A 795 -41.51 21.60 -45.62
C LEU A 795 -40.21 21.75 -44.78
N ASP A 796 -39.80 20.65 -44.16
CA ASP A 796 -38.63 20.50 -43.27
C ASP A 796 -37.34 20.39 -44.11
N ILE A 797 -36.29 19.72 -43.59
CA ILE A 797 -34.84 19.83 -43.78
C ILE A 797 -34.31 20.23 -45.15
N PHE A 798 -34.91 19.70 -46.24
CA PHE A 798 -34.39 19.71 -47.62
C PHE A 798 -34.09 21.11 -48.16
N CYS A 799 -35.16 21.82 -48.58
CA CYS A 799 -35.40 23.26 -48.86
C CYS A 799 -36.78 23.39 -49.51
N CYS A 800 -37.41 24.57 -49.39
CA CYS A 800 -38.35 25.25 -50.30
C CYS A 800 -39.30 24.43 -51.18
N VAL A 801 -39.93 23.39 -50.64
CA VAL A 801 -40.78 22.54 -51.47
C VAL A 801 -42.21 22.45 -50.93
N ARG A 802 -42.54 23.34 -49.99
CA ARG A 802 -43.85 23.54 -49.34
C ARG A 802 -44.48 22.28 -48.73
N ALA A 812 -53.11 24.39 -30.80
CA ALA A 812 -52.95 23.39 -29.76
C ALA A 812 -52.67 22.02 -30.37
N SER A 813 -52.07 21.12 -29.59
CA SER A 813 -51.76 19.79 -30.12
C SER A 813 -52.30 18.62 -29.32
N GLU A 814 -52.30 18.74 -27.97
CA GLU A 814 -52.76 17.77 -26.97
C GLU A 814 -52.19 16.36 -27.18
N SER A 815 -50.85 16.26 -27.07
CA SER A 815 -49.99 15.08 -27.32
C SER A 815 -50.42 13.76 -26.67
N CYS A 816 -50.04 12.63 -27.32
CA CYS A 816 -50.39 11.25 -26.92
C CYS A 816 -50.03 10.89 -25.47
N LEU A 817 -48.96 11.49 -24.93
CA LEU A 817 -48.60 11.26 -23.54
C LEU A 817 -49.50 12.03 -22.59
N PHE A 818 -49.73 13.31 -22.89
CA PHE A 818 -50.61 14.20 -22.12
C PHE A 818 -52.04 13.70 -21.96
N ARG A 819 -52.55 12.94 -22.95
CA ARG A 819 -53.89 12.36 -22.80
C ARG A 819 -53.86 11.12 -21.92
N PHE A 820 -52.68 10.58 -21.61
CA PHE A 820 -52.58 9.45 -20.70
C PHE A 820 -52.41 9.99 -19.29
N PHE A 821 -51.49 10.96 -19.12
CA PHE A 821 -51.22 11.56 -17.82
C PHE A 821 -52.40 12.36 -17.26
N LYS A 822 -53.13 13.11 -18.09
CA LYS A 822 -54.28 13.85 -17.60
C LYS A 822 -55.49 12.95 -17.30
N ASN A 823 -55.72 11.94 -18.11
CA ASN A 823 -56.97 11.19 -18.04
C ASN A 823 -56.92 9.88 -17.27
N SER A 824 -55.76 9.23 -17.17
CA SER A 824 -55.76 7.87 -16.63
C SER A 824 -54.77 7.66 -15.50
N TYR A 825 -53.67 8.39 -15.45
CA TYR A 825 -52.62 8.09 -14.49
C TYR A 825 -52.77 8.97 -13.27
N SER A 826 -52.91 10.28 -13.44
CA SER A 826 -53.10 11.21 -12.32
C SER A 826 -54.37 10.95 -11.48
N PRO A 827 -55.60 10.73 -12.04
CA PRO A 827 -56.74 10.43 -11.14
C PRO A 827 -56.61 9.13 -10.36
N LEU A 828 -56.17 8.05 -11.03
CA LEU A 828 -55.98 6.73 -10.40
C LEU A 828 -55.01 6.77 -9.22
N LEU A 829 -53.79 7.30 -9.45
CA LEU A 829 -52.72 7.39 -8.44
C LEU A 829 -53.10 8.21 -7.23
N LEU A 830 -53.97 9.22 -7.38
CA LEU A 830 -54.28 10.12 -6.29
C LEU A 830 -55.56 9.76 -5.58
N LYS A 831 -56.17 8.60 -5.88
CA LYS A 831 -57.34 8.10 -5.16
C LYS A 831 -57.02 7.82 -3.70
N ASP A 832 -58.05 7.66 -2.89
CA ASP A 832 -57.84 7.53 -1.45
C ASP A 832 -57.41 6.10 -1.07
N TRP A 833 -57.60 5.11 -1.93
CA TRP A 833 -57.18 3.75 -1.63
C TRP A 833 -55.84 3.40 -2.26
N MET A 834 -55.11 4.37 -2.80
CA MET A 834 -53.81 4.15 -3.42
C MET A 834 -52.71 4.93 -2.74
N ARG A 835 -53.02 6.12 -2.22
CA ARG A 835 -52.08 6.97 -1.50
C ARG A 835 -51.48 6.35 -0.21
N PRO A 836 -52.24 5.70 0.74
CA PRO A 836 -51.56 5.01 1.86
C PRO A 836 -50.62 3.89 1.45
N ILE A 837 -50.99 3.12 0.41
CA ILE A 837 -50.15 2.06 -0.14
C ILE A 837 -48.83 2.63 -0.68
N VAL A 838 -48.92 3.73 -1.45
CA VAL A 838 -47.75 4.40 -2.03
C VAL A 838 -46.81 4.96 -0.96
N ILE A 839 -47.36 5.67 0.04
CA ILE A 839 -46.57 6.25 1.14
C ILE A 839 -45.93 5.14 2.01
N ALA A 840 -46.67 4.03 2.27
CA ALA A 840 -46.18 2.87 3.01
C ALA A 840 -44.99 2.23 2.33
N ILE A 841 -45.09 2.01 0.99
CA ILE A 841 -44.04 1.39 0.19
C ILE A 841 -42.78 2.25 0.21
N PHE A 842 -42.93 3.58 0.03
CA PHE A 842 -41.76 4.46 -0.04
C PHE A 842 -41.07 4.66 1.30
N VAL A 843 -41.81 4.74 2.41
CA VAL A 843 -41.17 4.79 3.73
C VAL A 843 -40.50 3.43 4.03
N GLY A 844 -41.07 2.32 3.54
CA GLY A 844 -40.43 1.01 3.70
C GLY A 844 -39.12 0.84 2.95
N VAL A 845 -39.07 1.29 1.69
CA VAL A 845 -37.85 1.29 0.89
C VAL A 845 -36.79 2.22 1.52
N LEU A 846 -37.24 3.37 2.07
CA LEU A 846 -36.32 4.29 2.76
C LEU A 846 -35.77 3.68 4.04
N SER A 847 -36.61 2.92 4.75
CA SER A 847 -36.22 2.20 5.98
C SER A 847 -35.19 1.11 5.71
N PHE A 848 -35.39 0.33 4.63
CA PHE A 848 -34.41 -0.67 4.20
C PHE A 848 -33.07 -0.03 3.86
N SER A 849 -33.08 1.04 3.04
CA SER A 849 -31.88 1.77 2.64
C SER A 849 -31.13 2.39 3.81
N ILE A 850 -31.83 2.99 4.78
CA ILE A 850 -31.18 3.56 5.97
C ILE A 850 -30.65 2.42 6.86
N ALA A 851 -31.26 1.22 6.82
CA ALA A 851 -30.81 0.11 7.64
C ALA A 851 -29.49 -0.47 7.14
N VAL A 852 -29.34 -0.62 5.83
CA VAL A 852 -28.16 -1.26 5.26
C VAL A 852 -27.09 -0.24 4.85
N LEU A 853 -27.16 0.97 5.43
CA LEU A 853 -26.32 2.10 5.05
C LEU A 853 -24.88 1.89 5.48
N ASN A 854 -24.66 1.54 6.76
CA ASN A 854 -23.30 1.41 7.30
C ASN A 854 -22.59 0.09 6.97
N LYS A 855 -23.09 -0.70 6.03
CA LYS A 855 -22.44 -1.92 5.58
C LYS A 855 -21.81 -1.72 4.20
N VAL A 856 -21.64 -0.46 3.79
CA VAL A 856 -21.10 -0.13 2.49
C VAL A 856 -19.58 -0.21 2.57
N ASP A 857 -18.96 -0.72 1.50
CA ASP A 857 -17.52 -0.86 1.43
C ASP A 857 -16.86 0.50 1.28
N ILE A 858 -15.59 0.57 1.62
CA ILE A 858 -14.82 1.80 1.45
C ILE A 858 -13.57 1.47 0.65
N GLY A 859 -13.42 2.09 -0.50
CA GLY A 859 -12.24 1.93 -1.29
C GLY A 859 -12.48 1.22 -2.61
N LEU A 860 -11.41 1.15 -3.40
CA LEU A 860 -11.49 0.52 -4.71
C LEU A 860 -10.50 -0.64 -4.75
N ASP A 861 -10.94 -1.76 -5.31
CA ASP A 861 -10.14 -2.98 -5.32
C ASP A 861 -8.83 -2.91 -6.09
N GLN A 862 -8.69 -1.94 -6.99
CA GLN A 862 -7.48 -1.81 -7.79
C GLN A 862 -7.16 -3.14 -8.47
N SER A 863 -8.15 -3.69 -9.16
CA SER A 863 -8.01 -4.95 -9.85
C SER A 863 -9.19 -5.03 -10.80
N LEU A 864 -10.40 -4.91 -10.26
CA LEU A 864 -11.56 -4.91 -11.14
C LEU A 864 -11.41 -3.80 -12.15
N SER A 865 -10.44 -2.90 -11.89
CA SER A 865 -10.11 -1.81 -12.80
C SER A 865 -9.29 -2.28 -14.00
N MET A 866 -8.89 -3.55 -14.05
CA MET A 866 -8.12 -4.17 -15.11
C MET A 866 -9.08 -5.02 -15.94
N PRO A 867 -8.84 -5.18 -17.28
CA PRO A 867 -9.64 -6.12 -18.09
C PRO A 867 -9.61 -7.59 -17.66
N ASP A 868 -10.46 -8.41 -18.25
CA ASP A 868 -10.48 -9.81 -17.89
C ASP A 868 -9.52 -10.64 -18.73
N ASP A 869 -9.14 -10.15 -19.92
CA ASP A 869 -8.15 -10.84 -20.73
C ASP A 869 -6.73 -10.30 -20.50
N SER A 870 -6.49 -9.62 -19.39
CA SER A 870 -5.21 -8.97 -19.14
C SER A 870 -4.29 -9.88 -18.34
N TYR A 871 -3.01 -9.54 -18.36
CA TYR A 871 -2.03 -10.26 -17.55
C TYR A 871 -1.89 -9.72 -16.14
N MET A 872 -2.37 -8.50 -15.90
CA MET A 872 -2.32 -7.92 -14.56
C MET A 872 -3.28 -8.59 -13.59
N VAL A 873 -4.42 -9.09 -14.09
CA VAL A 873 -5.36 -9.88 -13.30
C VAL A 873 -4.70 -11.19 -12.84
N ASP A 874 -3.98 -11.86 -13.77
CA ASP A 874 -3.22 -13.09 -13.52
C ASP A 874 -2.13 -12.82 -12.48
N TYR A 875 -1.48 -11.66 -12.59
CA TYR A 875 -0.45 -11.25 -11.64
C TYR A 875 -1.01 -11.05 -10.22
N PHE A 876 -2.22 -10.47 -10.12
CA PHE A 876 -2.87 -10.28 -8.82
C PHE A 876 -3.28 -11.60 -8.18
N LYS A 877 -3.82 -12.53 -9.00
CA LYS A 877 -4.08 -13.92 -8.56
C LYS A 877 -2.81 -14.59 -8.05
N SER A 878 -1.69 -14.42 -8.78
CA SER A 878 -0.41 -15.01 -8.40
C SER A 878 0.10 -14.47 -7.07
N ILE A 879 0.00 -13.13 -6.86
CA ILE A 879 0.34 -12.48 -5.57
C ILE A 879 -0.45 -13.11 -4.44
N SER A 880 -1.81 -13.03 -4.55
CA SER A 880 -2.75 -13.51 -3.54
C SER A 880 -2.59 -15.00 -3.24
N GLN A 881 -2.19 -15.79 -4.24
CA GLN A 881 -2.10 -17.22 -4.03
C GLN A 881 -0.72 -17.62 -3.52
N TYR A 882 0.35 -16.83 -3.80
CA TYR A 882 1.67 -17.33 -3.44
C TYR A 882 2.52 -16.45 -2.53
N LEU A 883 2.56 -15.14 -2.74
CA LEU A 883 3.52 -14.23 -2.12
C LEU A 883 3.36 -14.09 -0.59
N HIS A 884 4.49 -13.83 0.07
CA HIS A 884 4.55 -13.64 1.52
C HIS A 884 4.99 -12.28 2.00
N ALA A 885 5.60 -11.43 1.18
CA ALA A 885 5.97 -10.11 1.65
C ALA A 885 5.20 -9.09 0.84
N GLY A 886 5.10 -7.88 1.36
CA GLY A 886 4.38 -6.84 0.69
C GLY A 886 5.29 -5.67 0.41
N PRO A 887 4.72 -4.47 0.26
CA PRO A 887 5.53 -3.29 0.02
C PRO A 887 6.34 -2.90 1.24
N PRO A 888 7.57 -2.43 1.06
CA PRO A 888 8.38 -1.95 2.18
C PRO A 888 7.86 -0.68 2.83
N VAL A 889 8.13 -0.54 4.12
CA VAL A 889 7.76 0.64 4.90
C VAL A 889 9.05 1.28 5.33
N TYR A 890 9.10 2.60 5.34
CA TYR A 890 10.29 3.30 5.81
C TYR A 890 9.85 4.19 6.97
N PHE A 891 10.36 3.91 8.16
CA PHE A 891 10.03 4.75 9.29
C PHE A 891 11.00 5.88 9.48
N VAL A 892 10.73 6.99 8.83
CA VAL A 892 11.65 8.12 8.79
C VAL A 892 11.64 8.93 10.05
N LEU A 893 12.74 8.93 10.77
CA LEU A 893 12.95 9.81 11.89
C LEU A 893 13.53 11.10 11.35
N GLU A 894 12.79 12.20 11.47
CA GLU A 894 13.12 13.48 10.84
C GLU A 894 14.41 14.11 11.38
N GLU A 895 14.81 15.20 10.74
CA GLU A 895 16.04 15.90 11.12
C GLU A 895 15.85 16.68 12.41
N GLY A 896 16.78 16.54 13.33
CA GLY A 896 16.68 17.29 14.56
C GLY A 896 17.02 16.48 15.79
N HIS A 897 17.18 15.17 15.62
CA HIS A 897 17.54 14.30 16.73
C HIS A 897 19.03 14.44 17.01
N ASP A 898 19.45 14.09 18.22
CA ASP A 898 20.82 14.39 18.63
C ASP A 898 21.84 13.38 18.14
N TYR A 899 21.74 12.12 18.58
CA TYR A 899 22.52 10.90 18.26
C TYR A 899 23.92 10.85 18.85
N THR A 900 24.41 11.90 19.48
CA THR A 900 25.76 11.91 20.03
C THR A 900 25.70 12.01 21.52
N SER A 901 24.74 11.32 22.13
CA SER A 901 24.55 11.33 23.56
C SER A 901 23.93 10.01 23.95
N SER A 902 24.15 9.64 25.22
CA SER A 902 23.67 8.40 25.86
C SER A 902 22.16 8.21 25.74
N LYS A 903 21.39 9.24 26.13
CA LYS A 903 19.93 9.16 26.09
C LYS A 903 19.42 9.18 24.66
N GLY A 904 20.05 10.01 23.81
CA GLY A 904 19.74 10.08 22.38
C GLY A 904 19.96 8.76 21.63
N GLN A 905 20.89 7.93 22.11
CA GLN A 905 21.05 6.61 21.51
C GLN A 905 20.10 5.61 22.13
N ASN A 906 19.79 5.73 23.43
CA ASN A 906 18.83 4.80 24.04
C ASN A 906 17.42 4.93 23.48
N MET A 907 17.02 6.13 23.09
CA MET A 907 15.70 6.28 22.49
C MET A 907 15.55 5.67 21.10
N VAL A 908 16.62 5.38 20.34
CA VAL A 908 16.47 4.97 18.94
C VAL A 908 16.93 3.52 18.71
N CYS A 909 17.80 2.98 19.57
CA CYS A 909 18.45 1.67 19.40
C CYS A 909 17.46 0.51 19.61
N GLY A 910 17.75 -0.64 19.02
CA GLY A 910 17.38 -1.90 19.68
C GLY A 910 18.51 -2.83 20.05
N GLY A 911 18.78 -2.95 21.34
CA GLY A 911 19.94 -3.65 21.80
C GLY A 911 19.93 -3.82 23.31
N MET A 912 21.13 -3.84 23.90
CA MET A 912 21.30 -4.20 25.30
C MET A 912 20.88 -3.08 26.25
N GLY A 913 21.53 -1.94 26.16
CA GLY A 913 21.28 -0.93 27.16
C GLY A 913 20.16 0.00 26.77
N CYS A 914 19.77 -0.04 25.50
CA CYS A 914 18.77 0.88 25.01
C CYS A 914 17.39 0.42 25.47
N ASN A 915 16.46 1.40 25.57
CA ASN A 915 15.16 1.36 26.22
C ASN A 915 14.24 0.25 25.71
N ASN A 916 13.21 -0.03 26.48
CA ASN A 916 12.26 -1.04 26.05
C ASN A 916 11.13 -0.48 25.23
N ASP A 917 11.03 0.85 25.12
CA ASP A 917 10.00 1.45 24.29
C ASP A 917 10.54 2.22 23.09
N SER A 918 11.83 2.04 22.74
CA SER A 918 12.50 2.69 21.61
C SER A 918 11.88 2.28 20.29
N LEU A 919 12.31 2.98 19.21
CA LEU A 919 11.80 2.83 17.85
C LEU A 919 11.95 1.42 17.26
N VAL A 920 13.16 0.85 17.35
CA VAL A 920 13.50 -0.46 16.80
C VAL A 920 12.76 -1.57 17.54
N GLN A 921 12.64 -1.39 18.86
CA GLN A 921 11.93 -2.34 19.71
C GLN A 921 10.43 -2.35 19.43
N GLN A 922 9.84 -1.17 19.15
CA GLN A 922 8.41 -1.09 18.81
C GLN A 922 8.08 -1.72 17.47
N ILE A 923 8.93 -1.54 16.44
CA ILE A 923 8.72 -2.23 15.17
C ILE A 923 8.91 -3.74 15.34
N PHE A 924 9.83 -4.16 16.23
CA PHE A 924 10.03 -5.57 16.54
C PHE A 924 8.81 -6.22 17.20
N ASN A 925 8.20 -5.51 18.18
CA ASN A 925 6.96 -5.97 18.84
C ASN A 925 5.82 -6.10 17.84
N ALA A 926 5.67 -5.06 17.00
CA ALA A 926 4.73 -5.06 15.87
C ALA A 926 4.89 -6.28 14.97
N ALA A 927 6.14 -6.63 14.65
CA ALA A 927 6.41 -7.81 13.84
C ALA A 927 6.09 -9.10 14.60
N GLN A 928 6.15 -9.08 15.94
CA GLN A 928 5.74 -10.26 16.70
C GLN A 928 4.22 -10.45 16.66
N LEU A 929 3.47 -9.35 16.55
CA LEU A 929 2.02 -9.45 16.37
C LEU A 929 1.63 -9.92 14.96
N ASP A 930 1.95 -9.12 13.92
CA ASP A 930 2.01 -9.45 12.47
C ASP A 930 0.64 -9.68 11.78
N ASN A 931 -0.45 -9.70 12.53
CA ASN A 931 -1.77 -9.81 11.92
C ASN A 931 -2.65 -8.65 12.31
N TYR A 932 -2.60 -8.27 13.57
CA TYR A 932 -3.27 -7.06 13.97
C TYR A 932 -2.56 -5.87 13.35
N THR A 933 -1.31 -5.60 13.72
CA THR A 933 -0.51 -4.61 13.02
C THR A 933 0.15 -5.30 11.83
N ARG A 934 -0.11 -4.80 10.64
CA ARG A 934 0.33 -5.43 9.40
C ARG A 934 1.78 -5.12 9.00
N ILE A 935 2.72 -5.35 9.92
CA ILE A 935 4.16 -5.19 9.69
C ILE A 935 4.77 -6.56 9.89
N GLY A 936 5.32 -7.13 8.83
CA GLY A 936 5.59 -8.55 8.86
C GLY A 936 6.94 -8.97 9.41
N PHE A 937 7.95 -8.11 9.34
CA PHE A 937 9.32 -8.54 9.63
C PHE A 937 10.03 -7.51 10.50
N ALA A 938 11.20 -7.91 10.97
CA ALA A 938 11.96 -7.15 11.95
C ALA A 938 12.60 -5.93 11.28
N PRO A 939 12.94 -4.84 12.05
CA PRO A 939 13.39 -3.59 11.42
C PRO A 939 14.65 -3.44 10.59
N SER A 940 15.78 -4.10 10.88
CA SER A 940 17.09 -3.94 10.20
C SER A 940 17.65 -2.53 10.35
N SER A 941 17.92 -2.18 11.59
CA SER A 941 18.43 -0.88 11.95
C SER A 941 19.88 -0.71 11.55
N TRP A 942 20.30 0.54 11.41
CA TRP A 942 21.67 0.85 11.06
C TRP A 942 22.52 1.18 12.27
N ILE A 943 21.91 1.63 13.37
CA ILE A 943 22.73 2.03 14.50
C ILE A 943 23.25 0.83 15.28
N ASP A 944 22.46 -0.26 15.38
CA ASP A 944 22.92 -1.54 15.96
C ASP A 944 24.08 -2.13 15.17
N ASP A 945 23.96 -2.09 13.84
CA ASP A 945 25.00 -2.58 12.95
C ASP A 945 26.26 -1.73 13.09
N TYR A 946 26.08 -0.42 13.20
CA TYR A 946 27.21 0.50 13.37
C TYR A 946 27.93 0.17 14.67
N PHE A 947 27.17 -0.10 15.75
CA PHE A 947 27.78 -0.46 17.03
C PHE A 947 28.48 -1.81 16.97
N ASP A 948 27.87 -2.81 16.31
CA ASP A 948 28.50 -4.10 16.09
C ASP A 948 29.78 -3.99 15.28
N TRP A 949 29.78 -3.13 14.28
CA TRP A 949 30.96 -2.88 13.48
C TRP A 949 32.07 -2.20 14.25
N VAL A 950 31.76 -1.18 15.04
CA VAL A 950 32.81 -0.40 15.70
C VAL A 950 33.44 -1.04 16.94
N LYS A 951 32.81 -2.07 17.56
CA LYS A 951 33.29 -2.72 18.79
C LYS A 951 34.66 -3.38 18.56
N PRO A 952 35.59 -3.26 19.53
CA PRO A 952 36.97 -3.79 19.36
C PRO A 952 37.14 -5.28 19.07
N GLN A 953 36.32 -6.14 19.69
CA GLN A 953 36.30 -7.59 19.44
C GLN A 953 36.14 -7.96 17.97
N SER A 954 35.19 -7.33 17.27
CA SER A 954 34.95 -7.64 15.84
C SER A 954 36.15 -7.27 14.98
N SER A 955 36.69 -6.08 15.23
CA SER A 955 37.93 -5.61 14.58
C SER A 955 37.76 -5.37 13.09
N CYS A 956 36.60 -4.84 12.70
CA CYS A 956 36.44 -4.38 11.33
C CYS A 956 37.06 -3.00 11.20
N CYS A 957 36.86 -2.19 12.23
CA CYS A 957 37.43 -0.86 12.30
C CYS A 957 38.91 -0.93 12.57
N ARG A 958 39.67 -0.09 11.85
CA ARG A 958 41.12 0.07 12.02
C ARG A 958 41.51 1.35 11.32
N VAL A 959 42.13 2.28 12.03
CA VAL A 959 42.45 3.58 11.44
C VAL A 959 43.95 3.65 11.18
N ASP A 960 44.36 4.49 10.22
CA ASP A 960 45.77 4.78 9.99
C ASP A 960 46.26 5.73 11.09
N ASN A 961 47.53 5.54 11.49
CA ASN A 961 48.05 6.22 12.66
C ASN A 961 48.35 7.70 12.40
N ILE A 962 48.89 8.02 11.24
CA ILE A 962 49.29 9.40 10.98
C ILE A 962 48.31 10.21 10.13
N THR A 963 47.56 9.55 9.25
CA THR A 963 46.71 10.22 8.27
C THR A 963 45.24 10.32 8.71
N ASP A 964 44.83 9.58 9.77
CA ASP A 964 43.44 9.42 10.27
C ASP A 964 42.49 8.98 9.14
N GLN A 965 42.99 8.08 8.29
CA GLN A 965 42.26 7.53 7.16
C GLN A 965 41.94 6.06 7.46
N PHE A 966 40.86 5.56 6.86
CA PHE A 966 40.31 4.24 7.13
C PHE A 966 41.21 3.14 6.54
N CYS A 967 41.84 2.36 7.41
CA CYS A 967 42.59 1.18 6.98
C CYS A 967 41.57 0.04 6.85
N ASN A 968 41.45 -0.48 5.63
CA ASN A 968 40.54 -1.56 5.23
C ASN A 968 40.71 -2.86 6.02
N ALA A 969 39.70 -3.73 6.00
CA ALA A 969 39.84 -5.02 6.66
C ALA A 969 40.71 -6.04 5.93
N SER A 970 40.95 -5.89 4.63
CA SER A 970 41.87 -6.77 3.91
C SER A 970 43.06 -5.95 3.46
N VAL A 971 44.07 -5.86 4.32
CA VAL A 971 45.21 -5.03 4.03
C VAL A 971 46.40 -5.68 4.73
N VAL A 972 47.60 -5.41 4.22
CA VAL A 972 48.86 -6.01 4.66
C VAL A 972 49.28 -5.77 6.12
N ASP A 973 48.58 -4.89 6.88
CA ASP A 973 48.77 -4.49 8.29
C ASP A 973 50.09 -3.80 8.67
N PRO A 974 50.66 -2.73 7.94
CA PRO A 974 51.96 -2.21 8.39
C PRO A 974 51.96 -1.48 9.76
N ALA A 975 51.17 -0.42 9.97
CA ALA A 975 51.14 0.18 11.29
C ALA A 975 49.75 0.69 11.66
N CYS A 976 48.68 0.19 11.04
CA CYS A 976 47.38 0.75 11.36
C CYS A 976 46.85 0.07 12.61
N VAL A 977 46.41 0.87 13.56
CA VAL A 977 45.91 0.40 14.85
C VAL A 977 44.40 0.52 14.90
N ARG A 978 43.81 -0.25 15.82
CA ARG A 978 42.37 -0.26 16.04
C ARG A 978 41.86 1.08 16.53
N CYS A 979 40.65 1.40 16.08
CA CYS A 979 39.98 2.66 16.39
C CYS A 979 39.61 2.79 17.85
N ARG A 980 38.91 1.81 18.39
CA ARG A 980 38.49 1.90 19.76
C ARG A 980 39.43 1.05 20.60
N PRO A 981 40.02 1.60 21.67
CA PRO A 981 40.94 0.82 22.53
C PRO A 981 40.28 -0.37 23.21
N LEU A 982 40.98 -1.50 23.25
CA LEU A 982 40.47 -2.74 23.83
C LEU A 982 40.68 -2.69 25.35
N THR A 983 39.86 -1.88 26.03
CA THR A 983 39.92 -1.72 27.47
C THR A 983 38.45 -1.74 27.92
N PRO A 984 38.09 -1.72 29.32
CA PRO A 984 36.66 -1.68 29.71
C PRO A 984 35.86 -0.48 29.26
N GLU A 985 36.54 0.65 29.07
CA GLU A 985 35.88 1.85 28.60
C GLU A 985 35.60 1.74 27.10
N GLY A 986 36.45 1.01 26.39
CA GLY A 986 36.31 0.88 24.95
C GLY A 986 35.23 -0.07 24.53
N LYS A 987 34.79 -0.98 25.41
CA LYS A 987 33.70 -1.91 25.11
C LYS A 987 32.39 -1.18 24.86
N GLN A 988 32.14 -0.10 25.60
CA GLN A 988 30.94 0.74 25.59
C GLN A 988 30.65 1.36 24.20
N ARG A 989 29.47 1.97 24.10
CA ARG A 989 29.09 2.65 22.87
C ARG A 989 29.88 3.94 22.68
N PRO A 990 30.16 4.33 21.44
CA PRO A 990 30.85 5.59 21.19
C PRO A 990 29.98 6.81 21.40
N GLN A 991 29.90 7.30 22.63
CA GLN A 991 28.90 8.31 22.92
C GLN A 991 29.31 9.72 22.50
N GLY A 992 30.59 10.09 22.53
CA GLY A 992 30.94 11.47 22.27
C GLY A 992 31.04 11.84 20.79
N GLY A 993 32.12 12.55 20.47
CA GLY A 993 32.50 12.94 19.12
C GLY A 993 33.11 11.82 18.30
N ASP A 994 33.46 10.72 18.97
CA ASP A 994 33.95 9.51 18.33
C ASP A 994 32.92 8.89 17.39
N PHE A 995 31.62 8.96 17.78
CA PHE A 995 30.46 8.54 16.99
C PHE A 995 30.55 9.12 15.58
N MET A 996 30.65 10.44 15.51
CA MET A 996 30.67 11.10 14.23
C MET A 996 32.04 11.04 13.57
N ARG A 997 33.07 10.67 14.33
CA ARG A 997 34.36 10.49 13.68
C ARG A 997 34.45 9.12 13.01
N PHE A 998 33.74 8.11 13.51
CA PHE A 998 33.82 6.79 12.88
C PHE A 998 32.63 6.42 12.00
N LEU A 999 31.50 7.15 12.06
CA LEU A 999 30.33 6.83 11.24
C LEU A 999 30.51 6.93 9.71
N PRO A 1000 31.16 7.98 9.09
CA PRO A 1000 31.34 7.96 7.61
C PRO A 1000 32.18 6.81 7.08
N MET A 1001 33.20 6.41 7.84
CA MET A 1001 34.04 5.28 7.48
C MET A 1001 33.24 3.97 7.49
N PHE A 1002 32.32 3.83 8.45
CA PHE A 1002 31.37 2.71 8.50
C PHE A 1002 30.50 2.71 7.26
N LEU A 1003 29.90 3.85 6.92
CA LEU A 1003 29.02 3.93 5.75
C LEU A 1003 29.75 3.79 4.42
N SER A 1004 31.07 3.99 4.40
CA SER A 1004 31.89 3.74 3.23
C SER A 1004 32.53 2.37 3.21
N ASP A 1005 32.48 1.60 4.31
CA ASP A 1005 33.09 0.27 4.35
C ASP A 1005 32.36 -0.71 3.45
N ASN A 1006 33.07 -1.64 2.87
CA ASN A 1006 32.47 -2.56 1.92
C ASN A 1006 32.36 -3.98 2.50
N PRO A 1007 31.61 -4.87 1.83
CA PRO A 1007 31.45 -6.25 2.31
C PRO A 1007 32.72 -7.05 2.15
N ASN A 1008 33.61 -6.96 3.14
CA ASN A 1008 34.87 -7.70 3.10
C ASN A 1008 34.73 -9.02 3.84
N PRO A 1009 35.36 -10.08 3.33
CA PRO A 1009 35.27 -11.41 3.95
C PRO A 1009 35.88 -11.49 5.33
N LYS A 1010 36.89 -10.67 5.63
CA LYS A 1010 37.47 -10.69 6.96
C LYS A 1010 36.62 -9.92 7.94
N CYS A 1011 35.96 -8.86 7.50
CA CYS A 1011 35.12 -8.09 8.42
C CYS A 1011 33.72 -8.64 8.65
N GLY A 1012 32.90 -8.72 7.62
CA GLY A 1012 31.51 -9.07 7.80
C GLY A 1012 30.70 -8.37 6.72
N LYS A 1013 29.51 -7.86 7.04
CA LYS A 1013 28.66 -7.34 5.98
C LYS A 1013 29.01 -5.91 5.57
N GLY A 1014 29.47 -5.05 6.48
CA GLY A 1014 29.74 -3.67 6.12
C GLY A 1014 28.50 -2.79 5.91
N GLY A 1015 28.74 -1.49 5.89
CA GLY A 1015 27.62 -0.58 5.81
C GLY A 1015 27.43 0.21 4.53
N HIS A 1016 27.87 -0.28 3.38
CA HIS A 1016 27.68 0.52 2.19
C HIS A 1016 26.51 0.02 1.39
N ALA A 1017 26.35 -1.30 1.30
CA ALA A 1017 25.30 -1.91 0.49
C ALA A 1017 23.90 -1.78 1.07
N ALA A 1018 23.76 -1.35 2.31
CA ALA A 1018 22.45 -1.33 2.94
C ALA A 1018 22.06 -0.01 3.58
N TYR A 1019 22.99 0.82 4.03
CA TYR A 1019 22.71 1.98 4.85
C TYR A 1019 23.19 3.32 4.30
N SER A 1020 23.96 3.32 3.20
CA SER A 1020 24.45 4.53 2.54
C SER A 1020 23.36 5.51 2.15
N SER A 1021 22.22 5.01 1.71
CA SER A 1021 21.12 5.89 1.37
C SER A 1021 20.25 6.15 2.59
N ALA A 1022 20.33 5.29 3.60
CA ALA A 1022 19.54 5.45 4.81
C ALA A 1022 20.12 6.43 5.80
N VAL A 1023 21.36 6.85 5.70
CA VAL A 1023 21.90 7.80 6.67
C VAL A 1023 22.34 9.02 5.90
N ASN A 1024 21.89 10.19 6.31
CA ASN A 1024 22.32 11.45 5.73
C ASN A 1024 23.23 12.18 6.68
N ILE A 1025 24.41 12.49 6.20
CA ILE A 1025 25.38 13.22 6.99
C ILE A 1025 25.44 14.61 6.39
N LEU A 1026 25.35 15.62 7.25
CA LEU A 1026 25.30 17.01 6.82
C LEU A 1026 26.68 17.57 7.11
N LEU A 1027 27.51 17.67 6.06
CA LEU A 1027 28.89 18.17 6.14
C LEU A 1027 28.97 19.61 6.66
N GLY A 1028 30.16 19.97 7.15
CA GLY A 1028 30.48 21.26 7.75
C GLY A 1028 29.86 21.52 9.13
N HIS A 1029 30.53 22.36 9.93
CA HIS A 1029 30.15 22.73 11.32
C HIS A 1029 30.00 21.50 12.24
N GLY A 1030 31.09 20.77 12.39
CA GLY A 1030 31.13 19.56 13.19
C GLY A 1030 30.47 18.29 12.63
N THR A 1031 29.70 18.38 11.54
CA THR A 1031 29.04 17.26 10.82
C THR A 1031 28.08 16.44 11.70
N ARG A 1032 26.89 16.97 11.88
CA ARG A 1032 25.77 16.27 12.51
C ARG A 1032 25.13 15.25 11.57
N VAL A 1033 24.14 14.47 12.10
CA VAL A 1033 23.34 13.50 11.33
C VAL A 1033 22.03 14.18 10.94
N GLY A 1034 21.54 13.89 9.73
CA GLY A 1034 20.32 14.47 9.25
C GLY A 1034 19.13 13.57 9.56
N ALA A 1035 18.32 13.30 8.54
CA ALA A 1035 17.20 12.39 8.65
C ALA A 1035 17.65 10.99 8.31
N THR A 1036 17.09 10.01 9.00
CA THR A 1036 17.43 8.60 8.80
C THR A 1036 16.19 7.72 8.81
N TYR A 1037 16.27 6.53 8.23
CA TYR A 1037 15.14 5.61 8.21
C TYR A 1037 15.49 4.20 8.63
N PHE A 1038 14.46 3.45 9.05
CA PHE A 1038 14.58 2.06 9.50
C PHE A 1038 13.59 1.20 8.72
N MET A 1039 14.04 0.52 7.67
CA MET A 1039 13.06 -0.05 6.75
C MET A 1039 12.70 -1.50 7.04
N THR A 1040 11.40 -1.76 7.10
CA THR A 1040 10.90 -3.12 7.27
C THR A 1040 9.92 -3.40 6.15
N TYR A 1041 9.21 -4.51 6.23
CA TYR A 1041 8.30 -4.87 5.15
C TYR A 1041 6.89 -5.07 5.69
N HIS A 1042 5.90 -4.80 4.85
CA HIS A 1042 4.52 -5.12 5.18
C HIS A 1042 4.21 -6.57 4.89
N THR A 1043 3.03 -6.98 5.32
CA THR A 1043 2.47 -8.30 5.04
C THR A 1043 1.77 -8.20 3.69
N VAL A 1044 1.51 -9.35 3.05
CA VAL A 1044 0.80 -9.41 1.76
C VAL A 1044 -0.58 -8.74 1.88
N LEU A 1045 -0.79 -7.70 1.08
CA LEU A 1045 -2.03 -6.94 1.08
C LEU A 1045 -2.84 -7.22 -0.17
N GLN A 1046 -4.05 -7.72 0.02
CA GLN A 1046 -4.86 -8.19 -1.08
C GLN A 1046 -6.07 -7.33 -1.38
N THR A 1047 -6.64 -6.66 -0.39
CA THR A 1047 -7.86 -5.89 -0.56
C THR A 1047 -7.66 -4.50 0.02
N SER A 1048 -8.59 -3.60 -0.35
CA SER A 1048 -8.60 -2.22 0.12
C SER A 1048 -8.71 -2.07 1.63
N ALA A 1049 -9.44 -2.97 2.32
CA ALA A 1049 -9.51 -3.02 3.79
C ALA A 1049 -8.13 -3.25 4.41
N ASP A 1050 -7.35 -4.18 3.81
CA ASP A 1050 -5.99 -4.49 4.22
C ASP A 1050 -5.09 -3.26 4.08
N PHE A 1051 -5.18 -2.55 2.93
CA PHE A 1051 -4.34 -1.36 2.71
C PHE A 1051 -4.63 -0.23 3.71
N ILE A 1052 -5.91 0.03 4.00
CA ILE A 1052 -6.30 1.08 4.97
C ILE A 1052 -5.85 0.69 6.38
N ASP A 1053 -5.98 -0.61 6.72
CA ASP A 1053 -5.56 -1.15 8.03
C ASP A 1053 -4.07 -1.01 8.26
N ALA A 1054 -3.28 -1.31 7.21
CA ALA A 1054 -1.83 -1.18 7.23
C ALA A 1054 -1.39 0.25 7.44
N LEU A 1055 -1.99 1.19 6.66
CA LEU A 1055 -1.78 2.64 6.80
C LEU A 1055 -2.03 3.13 8.21
N LYS A 1056 -3.24 2.85 8.76
CA LYS A 1056 -3.69 3.28 10.10
C LYS A 1056 -2.73 2.83 11.19
N LYS A 1057 -2.34 1.55 11.15
CA LYS A 1057 -1.55 1.02 12.24
C LYS A 1057 -0.09 1.44 12.16
N ALA A 1058 0.46 1.65 10.95
CA ALA A 1058 1.80 2.25 10.80
C ALA A 1058 1.85 3.67 11.37
N ARG A 1059 0.79 4.48 11.12
CA ARG A 1059 0.68 5.83 11.69
C ARG A 1059 0.61 5.78 13.21
N LEU A 1060 -0.12 4.79 13.73
CA LEU A 1060 -0.26 4.56 15.18
C LEU A 1060 1.09 4.30 15.87
N ILE A 1061 1.92 3.40 15.30
CA ILE A 1061 3.28 3.11 15.82
C ILE A 1061 4.15 4.36 15.82
N ALA A 1062 4.11 5.13 14.71
CA ALA A 1062 4.88 6.37 14.58
C ALA A 1062 4.48 7.41 15.62
N SER A 1063 3.16 7.53 15.87
CA SER A 1063 2.63 8.45 16.86
C SER A 1063 3.02 8.04 18.27
N ASN A 1064 3.04 6.71 18.53
CA ASN A 1064 3.49 6.14 19.81
C ASN A 1064 4.92 6.49 20.16
N VAL A 1065 5.82 6.32 19.17
CA VAL A 1065 7.25 6.63 19.32
C VAL A 1065 7.45 8.11 19.57
N THR A 1066 6.68 8.96 18.84
CA THR A 1066 6.73 10.41 19.00
C THR A 1066 6.26 10.88 20.39
N GLU A 1067 5.23 10.21 20.96
CA GLU A 1067 4.83 10.45 22.34
C GLU A 1067 5.93 10.12 23.34
N THR A 1068 6.49 8.88 23.26
CA THR A 1068 7.50 8.44 24.25
C THR A 1068 8.80 9.24 24.19
N MET A 1069 9.19 9.76 23.02
CA MET A 1069 10.44 10.52 22.93
C MET A 1069 10.42 11.85 23.67
N GLY A 1070 9.24 12.44 23.92
CA GLY A 1070 9.09 13.70 24.65
C GLY A 1070 9.81 14.91 24.06
N ILE A 1071 9.43 15.34 22.86
CA ILE A 1071 10.10 16.46 22.22
C ILE A 1071 9.58 17.77 22.83
N ASN A 1072 10.49 18.72 23.06
CA ASN A 1072 10.13 20.05 23.54
C ASN A 1072 9.45 20.78 22.38
N GLY A 1073 8.13 20.87 22.45
CA GLY A 1073 7.32 21.39 21.37
C GLY A 1073 7.02 20.37 20.28
N SER A 1074 7.11 20.74 19.00
CA SER A 1074 6.89 19.78 17.92
C SER A 1074 7.91 19.94 16.79
N ALA A 1075 9.19 20.10 17.13
CA ALA A 1075 10.29 20.28 16.18
C ALA A 1075 10.48 19.15 15.15
N TYR A 1076 10.22 17.89 15.54
CA TYR A 1076 10.35 16.73 14.66
C TYR A 1076 9.40 15.62 15.09
N ARG A 1077 9.29 14.58 14.25
CA ARG A 1077 8.47 13.42 14.53
C ARG A 1077 8.81 12.26 13.60
N VAL A 1078 8.49 11.06 14.02
CA VAL A 1078 8.62 9.84 13.23
C VAL A 1078 7.42 9.73 12.30
N PHE A 1079 7.60 9.22 11.05
CA PHE A 1079 6.46 8.97 10.17
C PHE A 1079 6.74 7.82 9.23
N PRO A 1080 5.76 7.00 8.86
CA PRO A 1080 6.03 5.93 7.91
C PRO A 1080 5.77 6.32 6.46
N TYR A 1081 6.63 5.84 5.58
CA TYR A 1081 6.45 6.06 4.14
C TYR A 1081 6.41 4.73 3.41
N SER A 1082 5.37 4.51 2.65
CA SER A 1082 5.27 3.41 1.73
C SER A 1082 4.70 3.97 0.44
N VAL A 1083 4.75 3.22 -0.64
CA VAL A 1083 4.40 3.76 -1.96
C VAL A 1083 2.87 4.01 -2.08
N PHE A 1084 2.00 3.15 -1.54
CA PHE A 1084 0.56 3.24 -1.70
C PHE A 1084 -0.13 4.20 -0.73
N TYR A 1085 0.62 4.90 0.12
CA TYR A 1085 0.04 5.77 1.15
C TYR A 1085 -0.69 6.96 0.55
N VAL A 1086 -0.15 7.51 -0.54
CA VAL A 1086 -0.78 8.64 -1.22
C VAL A 1086 -2.09 8.21 -1.88
N PHE A 1087 -2.17 6.98 -2.34
CA PHE A 1087 -3.40 6.52 -2.96
C PHE A 1087 -4.43 6.08 -1.93
N TYR A 1088 -4.02 5.73 -0.72
CA TYR A 1088 -4.99 5.25 0.26
C TYR A 1088 -5.17 6.16 1.47
N GLU A 1089 -4.62 7.36 1.45
CA GLU A 1089 -4.82 8.28 2.56
C GLU A 1089 -6.14 9.03 2.49
N GLN A 1090 -6.81 9.02 1.35
CA GLN A 1090 -8.10 9.70 1.20
C GLN A 1090 -9.23 8.98 1.93
N TYR A 1091 -9.09 7.67 2.12
CA TYR A 1091 -10.14 6.91 2.73
C TYR A 1091 -10.14 6.95 4.25
N LEU A 1092 -9.28 7.75 4.87
CA LEU A 1092 -9.30 7.92 6.30
C LEU A 1092 -10.16 9.09 6.69
N THR A 1093 -10.61 9.87 5.72
CA THR A 1093 -11.53 10.99 5.95
C THR A 1093 -12.62 11.06 4.89
N ILE A 1094 -12.86 9.96 4.15
CA ILE A 1094 -13.82 9.96 3.05
C ILE A 1094 -15.24 10.03 3.65
N ILE A 1095 -15.47 9.47 4.85
CA ILE A 1095 -16.77 9.48 5.51
C ILE A 1095 -17.17 10.92 5.90
N ASP A 1096 -16.22 11.68 6.48
CA ASP A 1096 -16.51 13.07 6.84
C ASP A 1096 -16.56 13.96 5.61
N ASP A 1097 -15.83 13.59 4.55
CA ASP A 1097 -15.95 14.26 3.26
C ASP A 1097 -17.33 14.07 2.64
N THR A 1098 -17.85 12.83 2.67
CA THR A 1098 -19.21 12.50 2.22
C THR A 1098 -20.26 13.31 2.97
N ILE A 1099 -20.16 13.36 4.32
CA ILE A 1099 -21.06 14.15 5.18
C ILE A 1099 -21.05 15.63 4.79
N PHE A 1100 -19.85 16.24 4.75
CA PHE A 1100 -19.66 17.66 4.43
C PHE A 1100 -20.17 18.01 3.02
N ASN A 1101 -19.77 17.22 2.01
CA ASN A 1101 -20.14 17.48 0.60
C ASN A 1101 -21.64 17.38 0.39
N LEU A 1102 -22.27 16.26 0.83
CA LEU A 1102 -23.71 16.06 0.68
C LEU A 1102 -24.50 17.09 1.47
N GLY A 1103 -24.11 17.34 2.73
CA GLY A 1103 -24.79 18.32 3.58
C GLY A 1103 -24.72 19.73 3.04
N VAL A 1104 -23.56 20.13 2.53
CA VAL A 1104 -23.36 21.48 1.99
C VAL A 1104 -24.14 21.65 0.67
N SER A 1105 -24.11 20.63 -0.21
CA SER A 1105 -24.83 20.66 -1.48
C SER A 1105 -26.34 20.73 -1.27
N LEU A 1106 -26.84 20.00 -0.29
CA LEU A 1106 -28.27 19.96 0.00
C LEU A 1106 -28.72 21.25 0.67
N GLY A 1107 -27.86 21.84 1.50
CA GLY A 1107 -28.14 23.14 2.09
C GLY A 1107 -28.15 24.26 1.06
N ALA A 1108 -27.25 24.17 0.07
CA ALA A 1108 -27.23 25.10 -1.06
C ALA A 1108 -28.50 25.05 -1.89
N ILE A 1109 -28.97 23.84 -2.19
CA ILE A 1109 -30.23 23.58 -2.90
C ILE A 1109 -31.40 24.20 -2.13
N PHE A 1110 -31.44 23.97 -0.80
CA PHE A 1110 -32.45 24.51 0.13
C PHE A 1110 -32.51 26.02 0.05
N LEU A 1111 -31.35 26.67 0.18
CA LEU A 1111 -31.25 28.13 0.17
C LEU A 1111 -31.70 28.71 -1.17
N VAL A 1112 -31.21 28.16 -2.31
CA VAL A 1112 -31.59 28.60 -3.66
C VAL A 1112 -33.10 28.47 -3.90
N THR A 1113 -33.69 27.35 -3.43
CA THR A 1113 -35.14 27.10 -3.53
C THR A 1113 -35.91 28.12 -2.70
N MET A 1114 -35.52 28.32 -1.42
CA MET A 1114 -36.19 29.27 -0.52
C MET A 1114 -36.01 30.73 -0.93
N VAL A 1115 -35.07 31.04 -1.81
CA VAL A 1115 -34.94 32.40 -2.33
C VAL A 1115 -35.82 32.56 -3.57
N LEU A 1116 -35.66 31.65 -4.55
CA LEU A 1116 -36.37 31.77 -5.82
C LEU A 1116 -37.88 31.56 -5.70
N LEU A 1117 -38.37 30.62 -4.87
CA LEU A 1117 -39.80 30.38 -4.72
C LEU A 1117 -40.53 31.42 -3.85
N GLY A 1118 -39.90 32.53 -3.47
CA GLY A 1118 -40.55 33.45 -2.58
C GLY A 1118 -39.82 33.55 -1.27
N CYS A 1119 -40.50 33.14 -0.22
CA CYS A 1119 -39.91 32.89 1.09
C CYS A 1119 -40.52 31.65 1.70
N GLU A 1120 -41.20 30.84 0.89
CA GLU A 1120 -41.96 29.67 1.33
C GLU A 1120 -41.01 28.59 1.81
N LEU A 1121 -40.92 28.44 3.13
CA LEU A 1121 -40.09 27.40 3.73
C LEU A 1121 -40.66 26.00 3.56
N TRP A 1122 -41.99 25.87 3.39
CA TRP A 1122 -42.63 24.56 3.33
C TRP A 1122 -42.36 23.79 2.06
N SER A 1123 -42.42 24.45 0.90
CA SER A 1123 -42.12 23.83 -0.39
C SER A 1123 -40.68 23.38 -0.47
N ALA A 1124 -39.78 24.21 0.08
CA ALA A 1124 -38.36 23.92 0.15
C ALA A 1124 -38.08 22.71 1.03
N VAL A 1125 -38.77 22.60 2.19
CA VAL A 1125 -38.57 21.49 3.11
C VAL A 1125 -39.09 20.18 2.52
N ILE A 1126 -40.23 20.23 1.79
CA ILE A 1126 -40.76 19.04 1.10
C ILE A 1126 -39.83 18.55 -0.02
N MET A 1127 -39.34 19.50 -0.85
CA MET A 1127 -38.40 19.20 -1.93
C MET A 1127 -37.06 18.65 -1.44
N CYS A 1128 -36.50 19.27 -0.39
CA CYS A 1128 -35.24 18.85 0.23
C CYS A 1128 -35.34 17.49 0.89
N ALA A 1129 -36.46 17.22 1.56
CA ALA A 1129 -36.69 15.92 2.17
C ALA A 1129 -36.77 14.83 1.11
N THR A 1130 -37.40 15.14 -0.04
CA THR A 1130 -37.47 14.18 -1.13
C THR A 1130 -36.09 13.92 -1.77
N ILE A 1131 -35.24 14.96 -1.95
CA ILE A 1131 -33.90 14.71 -2.51
C ILE A 1131 -32.99 13.96 -1.51
N ALA A 1132 -33.17 14.22 -0.19
CA ALA A 1132 -32.47 13.47 0.85
C ALA A 1132 -32.89 12.01 0.83
N MET A 1133 -34.18 11.75 0.59
CA MET A 1133 -34.69 10.39 0.38
C MET A 1133 -34.00 9.72 -0.81
N VAL A 1134 -33.82 10.47 -1.93
CA VAL A 1134 -33.12 9.97 -3.13
C VAL A 1134 -31.67 9.58 -2.81
N LEU A 1135 -30.96 10.39 -2.00
CA LEU A 1135 -29.57 10.10 -1.63
C LEU A 1135 -29.46 8.85 -0.74
N VAL A 1136 -30.33 8.73 0.27
CA VAL A 1136 -30.34 7.55 1.15
C VAL A 1136 -30.69 6.28 0.38
N ASN A 1137 -31.66 6.37 -0.55
CA ASN A 1137 -31.98 5.21 -1.39
C ASN A 1137 -30.90 4.91 -2.42
N MET A 1138 -30.14 5.93 -2.83
CA MET A 1138 -28.95 5.74 -3.67
C MET A 1138 -27.88 4.93 -2.95
N PHE A 1139 -27.68 5.19 -1.65
CA PHE A 1139 -26.75 4.40 -0.86
C PHE A 1139 -27.24 2.96 -0.68
N GLY A 1140 -28.55 2.78 -0.54
CA GLY A 1140 -29.11 1.44 -0.49
C GLY A 1140 -28.90 0.62 -1.76
N VAL A 1141 -29.12 1.23 -2.94
CA VAL A 1141 -28.87 0.58 -4.23
C VAL A 1141 -27.37 0.31 -4.45
N MET A 1142 -26.51 1.27 -3.99
CA MET A 1142 -25.05 1.13 -3.90
C MET A 1142 -24.65 -0.15 -3.18
N TRP A 1143 -25.12 -0.33 -1.94
CA TRP A 1143 -24.85 -1.54 -1.15
C TRP A 1143 -25.40 -2.79 -1.84
N LEU A 1144 -26.54 -2.66 -2.51
CA LEU A 1144 -27.26 -3.81 -3.03
C LEU A 1144 -26.64 -4.36 -4.29
N TRP A 1145 -26.08 -3.48 -5.11
CA TRP A 1145 -25.42 -3.88 -6.33
C TRP A 1145 -23.92 -4.07 -6.11
N GLY A 1146 -23.46 -3.80 -4.89
CA GLY A 1146 -22.06 -3.98 -4.58
C GLY A 1146 -21.16 -2.91 -5.15
N ILE A 1147 -21.65 -1.68 -5.27
CA ILE A 1147 -20.79 -0.58 -5.63
C ILE A 1147 -20.18 -0.08 -4.31
N SER A 1148 -18.92 0.30 -4.35
CA SER A 1148 -18.16 0.75 -3.19
C SER A 1148 -18.04 2.27 -3.18
N LEU A 1149 -17.80 2.84 -2.01
CA LEU A 1149 -17.67 4.29 -1.83
C LEU A 1149 -16.22 4.70 -2.02
N ASN A 1150 -15.92 5.35 -3.13
CA ASN A 1150 -14.59 5.86 -3.48
C ASN A 1150 -14.71 7.21 -4.16
N ALA A 1151 -13.63 7.63 -4.84
CA ALA A 1151 -13.57 8.93 -5.50
C ALA A 1151 -14.41 9.04 -6.78
N VAL A 1152 -14.99 7.96 -7.24
CA VAL A 1152 -15.87 7.98 -8.41
C VAL A 1152 -17.33 8.04 -7.96
N SER A 1153 -17.67 7.20 -6.99
CA SER A 1153 -18.98 7.15 -6.36
C SER A 1153 -19.39 8.44 -5.66
N LEU A 1154 -18.47 9.17 -5.02
CA LEU A 1154 -18.81 10.45 -4.39
C LEU A 1154 -19.21 11.50 -5.44
N VAL A 1155 -18.52 11.47 -6.59
CA VAL A 1155 -18.83 12.34 -7.74
C VAL A 1155 -20.23 12.00 -8.28
N ASN A 1156 -20.53 10.71 -8.39
CA ASN A 1156 -21.84 10.27 -8.86
C ASN A 1156 -22.97 10.61 -7.87
N LEU A 1157 -22.70 10.60 -6.54
CA LEU A 1157 -23.73 11.02 -5.59
C LEU A 1157 -23.99 12.51 -5.64
N VAL A 1158 -22.93 13.34 -5.66
CA VAL A 1158 -23.09 14.79 -5.84
C VAL A 1158 -23.76 15.16 -7.20
N MET A 1159 -23.64 14.29 -8.22
CA MET A 1159 -24.34 14.50 -9.48
C MET A 1159 -25.83 14.16 -9.30
N SER A 1160 -26.11 13.01 -8.61
CA SER A 1160 -27.48 12.54 -8.35
C SER A 1160 -28.27 13.55 -7.55
N CYS A 1161 -27.60 14.27 -6.62
CA CYS A 1161 -28.22 15.33 -5.81
C CYS A 1161 -28.74 16.50 -6.67
N GLY A 1162 -28.18 16.68 -7.88
CA GLY A 1162 -28.47 17.71 -8.84
C GLY A 1162 -29.45 17.30 -9.92
N ILE A 1163 -29.63 15.99 -10.17
CA ILE A 1163 -30.63 15.50 -11.12
C ILE A 1163 -31.97 15.25 -10.42
N SER A 1164 -31.88 14.89 -9.12
CA SER A 1164 -33.01 14.85 -8.19
C SER A 1164 -33.84 16.14 -8.17
N VAL A 1165 -33.15 17.30 -8.20
CA VAL A 1165 -33.77 18.63 -8.27
C VAL A 1165 -34.55 18.80 -9.57
N GLU A 1166 -33.95 18.36 -10.70
CA GLU A 1166 -34.49 18.46 -12.06
C GLU A 1166 -35.85 17.76 -12.20
N PHE A 1167 -36.07 16.70 -11.43
CA PHE A 1167 -37.40 16.06 -11.36
C PHE A 1167 -38.35 16.84 -10.44
N CYS A 1168 -37.92 16.94 -9.16
CA CYS A 1168 -38.68 17.51 -8.04
C CYS A 1168 -39.17 18.92 -8.32
N SER A 1169 -38.22 19.86 -8.54
CA SER A 1169 -38.38 21.31 -8.74
C SER A 1169 -39.53 21.72 -9.64
N HIS A 1170 -39.63 21.04 -10.79
CA HIS A 1170 -40.68 21.25 -11.77
C HIS A 1170 -42.03 20.89 -11.18
N ILE A 1171 -42.14 19.66 -10.63
CA ILE A 1171 -43.44 19.19 -10.06
C ILE A 1171 -43.90 20.10 -8.90
N THR A 1172 -43.01 20.38 -7.92
CA THR A 1172 -43.34 21.18 -6.73
C THR A 1172 -43.65 22.63 -7.07
N ARG A 1173 -43.01 23.22 -8.11
CA ARG A 1173 -43.32 24.59 -8.50
C ARG A 1173 -44.68 24.65 -9.19
N ALA A 1174 -44.98 23.66 -10.05
CA ALA A 1174 -46.31 23.55 -10.64
C ALA A 1174 -47.42 23.37 -9.62
N PHE A 1175 -47.16 22.67 -8.52
CA PHE A 1175 -48.14 22.58 -7.45
C PHE A 1175 -48.27 23.90 -6.72
N THR A 1176 -47.13 24.51 -6.33
CA THR A 1176 -47.13 25.72 -5.52
C THR A 1176 -47.78 26.90 -6.24
N VAL A 1177 -47.35 27.24 -7.45
CA VAL A 1177 -47.96 28.38 -8.16
C VAL A 1177 -49.13 27.79 -8.95
N SER A 1178 -50.25 27.64 -8.25
CA SER A 1178 -51.48 27.12 -8.82
C SER A 1178 -52.57 27.67 -7.92
N MET A 1179 -53.73 27.99 -8.48
CA MET A 1179 -54.78 28.64 -7.70
C MET A 1179 -56.05 27.83 -7.66
N LYS A 1180 -55.96 26.51 -7.68
CA LYS A 1180 -57.14 25.67 -7.45
C LYS A 1180 -57.50 25.62 -5.97
N GLY A 1181 -58.62 24.96 -5.69
CA GLY A 1181 -59.18 24.88 -4.35
C GLY A 1181 -58.52 23.89 -3.40
N SER A 1182 -58.58 22.60 -3.72
CA SER A 1182 -58.15 21.56 -2.79
C SER A 1182 -56.80 21.01 -3.23
N ARG A 1183 -56.16 20.28 -2.32
CA ARG A 1183 -54.84 19.67 -2.53
C ARG A 1183 -54.80 18.61 -3.64
N VAL A 1184 -55.86 17.79 -3.75
CA VAL A 1184 -55.94 16.71 -4.73
C VAL A 1184 -55.94 17.23 -6.16
N GLU A 1185 -56.72 18.29 -6.43
CA GLU A 1185 -56.82 18.83 -7.78
C GLU A 1185 -55.54 19.57 -8.18
N ARG A 1186 -54.91 20.26 -7.21
CA ARG A 1186 -53.61 20.88 -7.41
C ARG A 1186 -52.54 19.84 -7.74
N ALA A 1187 -52.56 18.69 -7.04
CA ALA A 1187 -51.60 17.61 -7.29
C ALA A 1187 -51.78 17.00 -8.69
N GLU A 1188 -53.04 16.72 -9.09
CA GLU A 1188 -53.28 16.14 -10.42
C GLU A 1188 -53.03 17.14 -11.54
N GLU A 1189 -53.27 18.43 -11.28
CA GLU A 1189 -52.97 19.50 -12.24
C GLU A 1189 -51.47 19.66 -12.47
N ALA A 1190 -50.70 19.76 -11.37
CA ALA A 1190 -49.23 19.76 -11.39
C ALA A 1190 -48.66 18.54 -12.08
N LEU A 1191 -49.24 17.35 -11.79
CA LEU A 1191 -48.84 16.07 -12.37
C LEU A 1191 -48.99 16.05 -13.88
N ALA A 1192 -50.23 16.25 -14.38
CA ALA A 1192 -50.59 16.35 -15.81
C ALA A 1192 -49.65 17.30 -16.55
N HIS A 1193 -49.72 18.60 -16.17
CA HIS A 1193 -49.05 19.73 -16.83
C HIS A 1193 -47.54 19.54 -16.90
N MET A 1194 -46.85 19.45 -15.76
CA MET A 1194 -45.40 19.40 -15.77
C MET A 1194 -44.85 17.99 -15.96
N GLY A 1195 -45.47 16.99 -15.32
CA GLY A 1195 -44.99 15.62 -15.43
C GLY A 1195 -45.10 14.97 -16.80
N SER A 1196 -46.00 15.48 -17.68
CA SER A 1196 -46.00 15.00 -19.06
C SER A 1196 -44.74 15.41 -19.80
N SER A 1197 -44.19 16.58 -19.48
CA SER A 1197 -42.95 17.03 -20.09
C SER A 1197 -41.71 16.52 -19.39
N VAL A 1198 -41.77 16.29 -18.07
CA VAL A 1198 -40.58 15.79 -17.37
C VAL A 1198 -40.41 14.28 -17.63
N PHE A 1199 -41.49 13.52 -17.87
CA PHE A 1199 -41.31 12.10 -18.16
C PHE A 1199 -40.82 11.91 -19.58
N SER A 1200 -41.23 12.76 -20.49
CA SER A 1200 -40.82 12.59 -21.87
C SER A 1200 -39.46 13.22 -22.11
N GLY A 1201 -39.13 14.27 -21.36
CA GLY A 1201 -37.87 14.96 -21.57
C GLY A 1201 -36.63 14.34 -20.99
N ILE A 1202 -36.51 14.18 -19.68
CA ILE A 1202 -35.27 13.64 -19.12
C ILE A 1202 -35.28 12.11 -19.03
N THR A 1203 -36.40 11.54 -18.53
CA THR A 1203 -36.54 10.12 -18.19
C THR A 1203 -36.36 9.18 -19.37
N LEU A 1204 -37.16 9.34 -20.42
CA LEU A 1204 -37.13 8.47 -21.59
C LEU A 1204 -35.82 8.56 -22.36
N THR A 1205 -35.25 9.77 -22.48
CA THR A 1205 -33.95 10.00 -23.13
C THR A 1205 -32.84 9.26 -22.44
N LYS A 1206 -32.65 9.56 -21.14
CA LYS A 1206 -31.66 8.87 -20.34
C LYS A 1206 -31.89 7.37 -20.22
N PHE A 1207 -33.16 6.90 -20.25
CA PHE A 1207 -33.46 5.48 -20.15
C PHE A 1207 -33.07 4.75 -21.42
N GLY A 1208 -33.41 5.34 -22.58
CA GLY A 1208 -32.93 4.85 -23.87
C GLY A 1208 -31.42 4.78 -23.95
N GLY A 1209 -30.73 5.84 -23.46
CA GLY A 1209 -29.27 5.89 -23.40
C GLY A 1209 -28.64 4.77 -22.58
N ILE A 1210 -29.15 4.54 -21.36
CA ILE A 1210 -28.60 3.48 -20.50
C ILE A 1210 -28.90 2.07 -21.05
N VAL A 1211 -30.10 1.83 -21.60
CA VAL A 1211 -30.42 0.49 -22.15
C VAL A 1211 -29.62 0.20 -23.43
N VAL A 1212 -29.28 1.22 -24.23
CA VAL A 1212 -28.36 0.98 -25.35
C VAL A 1212 -26.92 0.86 -24.83
N LEU A 1213 -26.58 1.56 -23.74
CA LEU A 1213 -25.24 1.59 -23.16
C LEU A 1213 -24.90 0.31 -22.41
N ALA A 1214 -25.90 -0.52 -22.08
CA ALA A 1214 -25.76 -1.79 -21.35
C ALA A 1214 -24.81 -2.83 -21.95
N PHE A 1215 -24.44 -2.74 -23.23
CA PHE A 1215 -23.45 -3.64 -23.82
C PHE A 1215 -22.18 -2.79 -23.84
N ALA A 1216 -21.49 -2.74 -22.71
CA ALA A 1216 -20.36 -1.85 -22.51
C ALA A 1216 -18.98 -2.45 -22.76
N LYS A 1217 -18.71 -3.66 -22.22
CA LYS A 1217 -17.49 -4.49 -22.29
C LYS A 1217 -16.34 -4.04 -21.38
N SER A 1218 -16.53 -3.01 -20.55
CA SER A 1218 -15.49 -2.60 -19.60
C SER A 1218 -16.06 -2.66 -18.19
N GLN A 1219 -15.28 -3.18 -17.25
CA GLN A 1219 -15.76 -3.43 -15.88
C GLN A 1219 -15.93 -2.18 -15.05
N ILE A 1220 -14.95 -1.26 -15.08
CA ILE A 1220 -14.96 0.03 -14.36
C ILE A 1220 -16.19 0.86 -14.71
N PHE A 1221 -16.50 0.95 -16.02
CA PHE A 1221 -17.66 1.60 -16.61
C PHE A 1221 -18.91 0.90 -16.06
N GLN A 1222 -19.11 -0.40 -16.38
CA GLN A 1222 -20.27 -1.22 -15.98
C GLN A 1222 -20.63 -1.27 -14.50
N ILE A 1223 -19.67 -0.99 -13.62
CA ILE A 1223 -19.95 -0.96 -12.19
C ILE A 1223 -20.19 0.44 -11.69
N PHE A 1224 -19.32 1.39 -11.96
CA PHE A 1224 -19.41 2.69 -11.31
C PHE A 1224 -20.14 3.74 -12.11
N TYR A 1225 -20.41 3.52 -13.40
CA TYR A 1225 -21.12 4.53 -14.18
C TYR A 1225 -22.50 4.07 -14.64
N PHE A 1226 -22.62 2.90 -15.30
CA PHE A 1226 -23.87 2.34 -15.82
C PHE A 1226 -24.88 2.14 -14.69
N ARG A 1227 -24.46 1.45 -13.63
CA ARG A 1227 -25.32 1.17 -12.47
C ARG A 1227 -25.73 2.41 -11.68
N MET A 1228 -24.79 3.31 -11.46
CA MET A 1228 -25.08 4.56 -10.74
C MET A 1228 -26.01 5.46 -11.57
N TYR A 1229 -25.83 5.50 -12.90
CA TYR A 1229 -26.68 6.33 -13.75
C TYR A 1229 -28.09 5.76 -13.87
N LEU A 1230 -28.20 4.43 -14.07
CA LEU A 1230 -29.48 3.71 -14.11
C LEU A 1230 -30.27 3.89 -12.83
N ALA A 1231 -29.60 3.69 -11.68
CA ALA A 1231 -30.15 3.86 -10.33
C ALA A 1231 -30.65 5.27 -10.14
N MET A 1232 -29.79 6.26 -10.41
CA MET A 1232 -30.08 7.69 -10.31
C MET A 1232 -31.31 8.10 -11.11
N VAL A 1233 -31.36 7.71 -12.41
CA VAL A 1233 -32.44 8.09 -13.33
C VAL A 1233 -33.77 7.49 -12.89
N LEU A 1234 -33.82 6.15 -12.73
CA LEU A 1234 -35.11 5.52 -12.43
C LEU A 1234 -35.56 5.78 -11.00
N LEU A 1235 -34.61 5.92 -10.07
CA LEU A 1235 -34.91 6.28 -8.70
C LEU A 1235 -35.47 7.68 -8.60
N GLY A 1236 -34.84 8.65 -9.28
CA GLY A 1236 -35.35 10.02 -9.30
C GLY A 1236 -36.69 10.17 -9.98
N ALA A 1237 -36.90 9.44 -11.09
CA ALA A 1237 -38.14 9.40 -11.86
C ALA A 1237 -39.27 8.84 -11.02
N THR A 1238 -39.02 7.65 -10.41
CA THR A 1238 -39.95 6.96 -9.52
C THR A 1238 -40.34 7.84 -8.34
N HIS A 1239 -39.34 8.41 -7.65
CA HIS A 1239 -39.52 9.30 -6.50
C HIS A 1239 -40.37 10.50 -6.85
N GLY A 1240 -39.95 11.33 -7.85
CA GLY A 1240 -40.68 12.49 -8.37
C GLY A 1240 -42.10 12.13 -8.75
N LEU A 1241 -42.29 11.36 -9.82
CA LEU A 1241 -43.58 11.12 -10.44
C LEU A 1241 -44.48 10.18 -9.64
N ILE A 1242 -44.08 9.54 -8.51
CA ILE A 1242 -44.97 8.65 -7.76
C ILE A 1242 -44.91 9.07 -6.29
N PHE A 1243 -44.08 10.03 -5.94
CA PHE A 1243 -44.01 10.38 -4.52
C PHE A 1243 -44.24 11.84 -4.24
N LEU A 1244 -43.85 12.75 -5.15
CA LEU A 1244 -44.30 14.13 -4.99
C LEU A 1244 -45.82 14.33 -5.10
N PRO A 1245 -46.63 13.71 -6.13
CA PRO A 1245 -48.10 13.80 -6.07
C PRO A 1245 -48.74 13.45 -4.73
N VAL A 1246 -48.38 12.29 -4.17
CA VAL A 1246 -49.03 11.79 -2.97
C VAL A 1246 -48.64 12.63 -1.73
N LEU A 1247 -47.35 12.92 -1.55
CA LEU A 1247 -46.87 13.71 -0.41
C LEU A 1247 -47.38 15.15 -0.46
N LEU A 1248 -47.44 15.74 -1.67
CA LEU A 1248 -48.02 17.08 -1.81
C LEU A 1248 -49.52 17.07 -1.60
N SER A 1249 -50.24 16.09 -2.17
CA SER A 1249 -51.66 15.86 -1.86
C SER A 1249 -51.93 15.81 -0.35
N TYR A 1250 -51.05 15.17 0.42
CA TYR A 1250 -51.30 15.02 1.85
C TYR A 1250 -50.93 16.30 2.61
N ILE A 1251 -49.67 16.71 2.56
CA ILE A 1251 -49.24 17.86 3.37
C ILE A 1251 -48.64 19.05 2.65
N GLY A 1252 -49.16 19.36 1.48
CA GLY A 1252 -48.64 20.44 0.67
C GLY A 1252 -49.02 21.84 1.10
N PRO A 1253 -48.23 22.84 0.68
CA PRO A 1253 -48.48 24.22 1.10
C PRO A 1253 -49.69 24.90 0.49
N SER A 1254 -50.52 25.43 1.38
CA SER A 1254 -51.74 26.13 1.01
C SER A 1254 -51.40 27.52 0.49
N VAL A 1255 -52.42 28.15 -0.13
CA VAL A 1255 -52.47 29.51 -0.70
C VAL A 1255 -53.85 29.68 -1.31
#